data_4OLG
#
_entry.id   4OLG
#
_cell.length_a   118.660
_cell.length_b   77.150
_cell.length_c   98.140
_cell.angle_alpha   90.000
_cell.angle_beta   115.950
_cell.angle_gamma   90.000
#
_symmetry.space_group_name_H-M   'C 1 2 1'
#
loop_
_entity.id
_entity.type
_entity.pdbx_description
1 polymer Beta-lactamase
2 non-polymer '(2R,5Z)-5-[(acetyloxy)methylidene]-2-[(1R)-1-(formylamino)-2-oxoethyl]-5,6-dihydro-2H-1,3-thiazine-4-carboxylic acid'
3 non-polymer 'PHOSPHATE ION'
4 water water
#
_entity_poly.entity_id   1
_entity_poly.type   'polypeptide(L)'
_entity_poly.pdbx_seq_one_letter_code
;APQQINDIVHRTITPLIEQQKIPGMAVAVIYQGKPYYFTWGYADIAKKQPVTQQTLFELGSVSKTFTGVLGGDAIARGEI
KLSDPTTKYWPELTAKQWNGITLLHLATYTAGGLPLQVPDEVKSSSDLLRFYQNWQPAWAPGTQRLYANSSIGLFGALAV
KPSGLSFEQAMQTRVFQPLKLNHTWINVPPAEEKNYAWGYREGKAVHVSPGALDAEAYGVKSTIEDMARWVQSNLKPLDI
NEKTLQQGIQLAQSRYWQTGDMYQGLGWEMLDWPVNPDSIINGSDNKIALAARPVKAITPPTPAVRASWVHKTGATGGFG
SYVAFIPEKELGIVMLANKNYPNPARVDAAWQILNALQ
;
_entity_poly.pdbx_strand_id   A,B
#
loop_
_chem_comp.id
_chem_comp.type
_chem_comp.name
_chem_comp.formula
2TV non-polymer '(2R,5Z)-5-[(acetyloxy)methylidene]-2-[(1R)-1-(formylamino)-2-oxoethyl]-5,6-dihydro-2H-1,3-thiazine-4-carboxylic acid' 'C11 H12 N2 O6 S'
PO4 non-polymer 'PHOSPHATE ION' 'O4 P -3'
#
# COMPACT_ATOMS: atom_id res chain seq x y z
N ALA A 1 3.43 -15.74 -33.69
CA ALA A 1 3.06 -16.25 -32.33
C ALA A 1 2.94 -17.80 -32.29
N PRO A 2 3.07 -18.41 -31.13
CA PRO A 2 2.75 -19.82 -30.95
C PRO A 2 1.39 -20.16 -31.57
N GLN A 3 1.29 -21.30 -32.26
CA GLN A 3 0.06 -21.61 -33.01
C GLN A 3 -1.20 -21.63 -32.10
N GLN A 4 -1.05 -22.00 -30.83
CA GLN A 4 -2.19 -22.07 -29.91
C GLN A 4 -2.69 -20.68 -29.60
N ILE A 5 -1.75 -19.74 -29.34
CA ILE A 5 -2.15 -18.31 -29.17
C ILE A 5 -2.78 -17.82 -30.44
N ASN A 6 -2.11 -18.01 -31.60
N ASN A 6 -2.11 -18.03 -31.57
CA ASN A 6 -2.75 -17.68 -32.89
CA ASN A 6 -2.75 -17.72 -32.85
C ASN A 6 -4.18 -18.21 -32.99
C ASN A 6 -4.17 -18.22 -33.00
N ASP A 7 -4.35 -19.51 -32.75
CA ASP A 7 -5.64 -20.13 -32.97
C ASP A 7 -6.69 -19.65 -31.98
N ILE A 8 -6.35 -19.54 -30.68
CA ILE A 8 -7.43 -18.96 -29.82
C ILE A 8 -7.78 -17.55 -30.17
N VAL A 9 -6.75 -16.72 -30.48
CA VAL A 9 -7.15 -15.38 -30.91
C VAL A 9 -7.95 -15.31 -32.18
N HIS A 10 -7.48 -15.96 -33.26
CA HIS A 10 -8.26 -15.86 -34.48
C HIS A 10 -9.66 -16.46 -34.41
N ARG A 11 -9.86 -17.56 -33.70
N ARG A 11 -9.80 -17.60 -33.70
CA ARG A 11 -11.20 -18.18 -33.62
CA ARG A 11 -11.09 -18.32 -33.51
C ARG A 11 -12.15 -17.45 -32.72
C ARG A 11 -12.10 -17.38 -32.84
N THR A 12 -11.59 -16.52 -31.92
CA THR A 12 -12.42 -15.63 -31.14
C THR A 12 -12.74 -14.29 -31.84
N ILE A 13 -11.67 -13.68 -32.42
CA ILE A 13 -11.78 -12.31 -32.88
C ILE A 13 -12.40 -12.24 -34.27
N THR A 14 -12.08 -13.23 -35.12
CA THR A 14 -12.72 -13.28 -36.45
C THR A 14 -14.26 -13.18 -36.43
N PRO A 15 -14.93 -14.07 -35.66
CA PRO A 15 -16.38 -13.94 -35.61
C PRO A 15 -16.87 -12.67 -34.90
N LEU A 16 -16.08 -12.15 -33.92
CA LEU A 16 -16.45 -10.87 -33.27
C LEU A 16 -16.50 -9.74 -34.27
N ILE A 17 -15.45 -9.65 -35.09
CA ILE A 17 -15.43 -8.59 -36.09
C ILE A 17 -16.54 -8.67 -37.12
N GLU A 18 -16.86 -9.91 -37.56
CA GLU A 18 -18.00 -10.18 -38.46
C GLU A 18 -19.31 -9.79 -37.82
N GLN A 19 -19.62 -10.33 -36.63
CA GLN A 19 -20.91 -10.09 -35.99
C GLN A 19 -21.11 -8.63 -35.59
N GLN A 20 -20.01 -7.96 -35.20
CA GLN A 20 -20.21 -6.59 -34.75
C GLN A 20 -19.92 -5.55 -35.81
N LYS A 21 -19.48 -6.01 -36.99
CA LYS A 21 -19.20 -5.11 -38.16
C LYS A 21 -18.13 -4.08 -37.83
N ILE A 22 -17.09 -4.56 -37.15
CA ILE A 22 -16.00 -3.65 -36.71
C ILE A 22 -15.07 -3.36 -37.91
N PRO A 23 -14.83 -2.11 -38.19
CA PRO A 23 -14.01 -1.81 -39.40
C PRO A 23 -12.51 -2.16 -39.26
N GLY A 24 -11.95 -2.02 -38.07
CA GLY A 24 -10.54 -2.19 -37.81
C GLY A 24 -10.37 -2.61 -36.36
N MET A 25 -9.42 -3.47 -36.11
CA MET A 25 -9.19 -3.88 -34.71
C MET A 25 -7.72 -4.22 -34.54
N ALA A 26 -7.18 -3.97 -33.36
CA ALA A 26 -5.86 -4.49 -33.02
C ALA A 26 -6.01 -5.21 -31.67
N VAL A 27 -5.28 -6.31 -31.51
CA VAL A 27 -5.30 -7.07 -30.21
C VAL A 27 -3.85 -7.33 -29.83
N ALA A 28 -3.52 -7.29 -28.53
CA ALA A 28 -2.23 -7.77 -27.98
C ALA A 28 -2.59 -8.73 -26.89
N VAL A 29 -1.98 -9.92 -26.95
CA VAL A 29 -2.02 -10.88 -25.84
C VAL A 29 -0.69 -10.84 -25.18
N ILE A 30 -0.64 -10.68 -23.87
CA ILE A 30 0.61 -10.78 -23.13
C ILE A 30 0.57 -12.14 -22.51
N TYR A 31 1.62 -12.94 -22.83
CA TYR A 31 1.60 -14.39 -22.39
C TYR A 31 2.97 -14.71 -21.88
N GLN A 32 2.98 -15.21 -20.66
CA GLN A 32 4.19 -15.31 -19.87
C GLN A 32 5.03 -14.05 -20.00
N GLY A 33 4.43 -12.88 -19.82
CA GLY A 33 5.26 -11.69 -19.94
C GLY A 33 5.53 -11.08 -21.33
N LYS A 34 5.43 -11.84 -22.45
CA LYS A 34 5.81 -11.35 -23.80
C LYS A 34 4.55 -10.95 -24.62
N PRO A 35 4.64 -9.92 -25.48
CA PRO A 35 3.49 -9.49 -26.29
C PRO A 35 3.41 -10.16 -27.61
N TYR A 36 2.21 -10.45 -28.04
CA TYR A 36 1.88 -11.01 -29.32
C TYR A 36 0.78 -10.17 -29.97
N TYR A 37 1.00 -9.74 -31.22
CA TYR A 37 0.11 -8.74 -31.80
C TYR A 37 -0.66 -9.26 -32.96
N PHE A 38 -1.89 -8.76 -33.12
CA PHE A 38 -2.80 -9.12 -34.19
C PHE A 38 -3.50 -7.92 -34.72
N THR A 39 -3.65 -7.82 -36.06
CA THR A 39 -4.38 -6.63 -36.54
C THR A 39 -5.26 -7.05 -37.68
N TRP A 40 -6.39 -6.35 -37.85
CA TRP A 40 -7.37 -6.61 -38.89
C TRP A 40 -7.97 -5.35 -39.46
N GLY A 41 -8.31 -5.35 -40.74
CA GLY A 41 -9.23 -4.34 -41.17
C GLY A 41 -8.61 -2.95 -41.33
N TYR A 42 -9.47 -1.92 -41.22
CA TYR A 42 -9.12 -0.58 -41.65
C TYR A 42 -9.11 0.47 -40.55
N ALA A 43 -8.05 1.27 -40.52
CA ALA A 43 -8.00 2.47 -39.68
C ALA A 43 -8.75 3.58 -40.34
N ASP A 44 -8.79 3.61 -41.68
CA ASP A 44 -9.45 4.71 -42.41
C ASP A 44 -10.03 4.07 -43.64
N ILE A 45 -11.33 3.92 -43.65
CA ILE A 45 -11.99 3.15 -44.73
C ILE A 45 -11.85 3.90 -46.05
N ALA A 46 -12.17 5.19 -46.04
CA ALA A 46 -12.09 6.01 -47.28
C ALA A 46 -10.70 6.03 -47.95
N LYS A 47 -9.61 6.19 -47.16
CA LYS A 47 -8.20 6.22 -47.61
C LYS A 47 -7.59 4.82 -47.72
N LYS A 48 -8.40 3.78 -47.46
CA LYS A 48 -7.95 2.37 -47.50
C LYS A 48 -6.75 2.09 -46.66
N GLN A 49 -6.63 2.77 -45.53
CA GLN A 49 -5.45 2.54 -44.71
C GLN A 49 -5.72 1.43 -43.70
N PRO A 50 -4.88 0.38 -43.64
CA PRO A 50 -5.09 -0.75 -42.76
C PRO A 50 -4.73 -0.36 -41.31
N VAL A 51 -5.32 -1.09 -40.38
CA VAL A 51 -4.80 -1.14 -39.06
C VAL A 51 -3.42 -1.74 -39.00
N THR A 52 -2.45 -1.09 -38.31
CA THR A 52 -1.17 -1.69 -38.09
C THR A 52 -0.84 -1.61 -36.62
N GLN A 53 0.34 -2.06 -36.26
CA GLN A 53 0.77 -1.93 -34.84
C GLN A 53 1.06 -0.50 -34.44
N GLN A 54 1.10 0.38 -35.46
N GLN A 54 1.11 0.45 -35.40
CA GLN A 54 1.35 1.79 -35.27
CA GLN A 54 1.30 1.91 -35.09
C GLN A 54 0.12 2.63 -35.08
C GLN A 54 0.04 2.76 -35.22
N THR A 55 -1.07 2.07 -35.43
CA THR A 55 -2.37 2.79 -35.51
C THR A 55 -2.70 3.29 -34.09
N LEU A 56 -3.09 4.57 -34.06
CA LEU A 56 -3.62 5.13 -32.79
C LEU A 56 -5.11 4.91 -32.77
N PHE A 57 -5.61 4.48 -31.57
CA PHE A 57 -7.04 4.36 -31.32
C PHE A 57 -7.41 5.24 -30.13
N GLU A 58 -8.65 5.73 -30.09
CA GLU A 58 -9.07 6.45 -28.86
C GLU A 58 -9.39 5.43 -27.75
N LEU A 59 -8.81 5.60 -26.55
CA LEU A 59 -9.00 4.65 -25.49
C LEU A 59 -10.28 4.94 -24.74
N GLY A 60 -10.84 6.14 -24.94
CA GLY A 60 -12.01 6.47 -24.13
C GLY A 60 -11.77 6.25 -22.63
N SER A 61 -12.72 5.62 -21.94
CA SER A 61 -12.63 5.57 -20.47
C SER A 61 -11.45 4.68 -19.99
N VAL A 62 -10.80 3.86 -20.90
CA VAL A 62 -9.57 3.22 -20.45
C VAL A 62 -8.54 4.24 -20.03
N SER A 63 -8.72 5.49 -20.52
CA SER A 63 -7.84 6.58 -20.03
C SER A 63 -7.84 6.71 -18.48
N LYS A 64 -8.95 6.33 -17.86
CA LYS A 64 -9.00 6.46 -16.35
C LYS A 64 -7.93 5.62 -15.66
N THR A 65 -7.41 4.56 -16.33
CA THR A 65 -6.35 3.78 -15.73
C THR A 65 -5.07 4.61 -15.67
N PHE A 66 -4.77 5.41 -16.68
CA PHE A 66 -3.61 6.27 -16.61
C PHE A 66 -3.81 7.35 -15.55
N THR A 67 -5.07 7.86 -15.42
CA THR A 67 -5.32 8.93 -14.41
C THR A 67 -5.15 8.32 -13.03
N GLY A 68 -5.62 7.08 -12.79
CA GLY A 68 -5.52 6.47 -11.41
C GLY A 68 -4.07 6.22 -11.07
N VAL A 69 -3.30 5.75 -12.05
CA VAL A 69 -1.84 5.56 -11.81
C VAL A 69 -1.09 6.88 -11.60
N LEU A 70 -1.43 7.93 -12.35
CA LEU A 70 -0.76 9.22 -12.16
C LEU A 70 -1.11 9.69 -10.73
N GLY A 71 -2.41 9.53 -10.36
CA GLY A 71 -2.81 9.85 -8.93
C GLY A 71 -1.99 9.05 -7.95
N GLY A 72 -1.83 7.72 -8.15
CA GLY A 72 -1.11 6.81 -7.23
C GLY A 72 0.34 7.35 -7.14
N ASP A 73 0.90 7.83 -8.25
CA ASP A 73 2.32 8.27 -8.23
C ASP A 73 2.41 9.59 -7.44
N ALA A 74 1.38 10.45 -7.49
CA ALA A 74 1.37 11.71 -6.71
C ALA A 74 1.30 11.37 -5.21
N ILE A 75 0.50 10.36 -4.84
CA ILE A 75 0.38 9.94 -3.43
C ILE A 75 1.82 9.43 -3.03
N ALA A 76 2.41 8.55 -3.83
CA ALA A 76 3.76 7.98 -3.50
C ALA A 76 4.82 9.10 -3.33
N ARG A 77 4.76 10.13 -4.16
CA ARG A 77 5.64 11.33 -4.05
C ARG A 77 5.42 12.15 -2.74
N GLY A 78 4.38 11.81 -1.96
CA GLY A 78 3.88 12.70 -0.88
C GLY A 78 3.22 14.03 -1.28
N GLU A 79 2.83 14.22 -2.56
CA GLU A 79 2.17 15.46 -2.92
C GLU A 79 0.70 15.59 -2.52
N ILE A 80 -0.04 14.47 -2.52
CA ILE A 80 -1.41 14.38 -2.04
C ILE A 80 -1.61 13.14 -1.16
N LYS A 81 -2.74 13.10 -0.48
CA LYS A 81 -3.21 11.90 0.20
C LYS A 81 -4.65 11.72 -0.20
N LEU A 82 -5.02 10.44 -0.41
CA LEU A 82 -6.42 10.13 -0.69
C LEU A 82 -7.39 10.51 0.43
N SER A 83 -6.88 10.54 1.69
CA SER A 83 -7.66 10.99 2.78
C SER A 83 -7.79 12.55 2.81
N ASP A 84 -7.10 13.32 1.97
CA ASP A 84 -7.21 14.82 1.96
C ASP A 84 -8.71 15.19 1.56
N PRO A 85 -9.31 16.19 2.21
CA PRO A 85 -10.56 16.81 1.64
C PRO A 85 -10.29 17.43 0.30
N THR A 86 -11.32 17.35 -0.58
CA THR A 86 -11.21 17.98 -1.86
C THR A 86 -10.86 19.45 -1.72
N THR A 87 -11.44 20.10 -0.68
CA THR A 87 -11.23 21.57 -0.58
C THR A 87 -9.77 21.95 -0.26
N LYS A 88 -8.99 21.00 0.26
CA LYS A 88 -7.58 21.28 0.39
C LYS A 88 -6.93 21.73 -0.90
N TYR A 89 -7.33 21.14 -2.03
CA TYR A 89 -6.73 21.43 -3.35
C TYR A 89 -7.52 22.40 -4.19
N TRP A 90 -8.76 22.68 -3.77
CA TRP A 90 -9.60 23.70 -4.40
C TRP A 90 -10.40 24.40 -3.35
N PRO A 91 -9.77 25.35 -2.69
CA PRO A 91 -10.43 26.00 -1.58
C PRO A 91 -11.59 26.89 -2.01
N GLU A 92 -11.70 27.31 -3.29
CA GLU A 92 -12.98 27.93 -3.81
C GLU A 92 -14.22 27.08 -3.78
N LEU A 93 -14.05 25.76 -3.59
CA LEU A 93 -15.20 24.88 -3.41
C LEU A 93 -15.72 25.02 -1.99
N THR A 94 -16.33 26.17 -1.75
CA THR A 94 -16.85 26.52 -0.44
C THR A 94 -18.25 25.99 -0.11
N ALA A 95 -18.99 25.52 -1.12
CA ALA A 95 -20.33 25.01 -0.82
C ALA A 95 -20.30 23.87 0.19
N LYS A 96 -21.31 23.86 1.08
CA LYS A 96 -21.23 23.00 2.31
C LYS A 96 -21.35 21.48 2.00
N GLN A 97 -21.83 21.13 0.80
CA GLN A 97 -21.94 19.71 0.48
C GLN A 97 -20.54 19.12 0.32
N TRP A 98 -19.49 19.94 0.16
CA TRP A 98 -18.10 19.47 -0.08
C TRP A 98 -17.40 19.05 1.20
N ASN A 99 -17.92 19.49 2.35
CA ASN A 99 -17.35 19.01 3.61
C ASN A 99 -17.49 17.51 3.70
N GLY A 100 -16.34 16.83 3.80
CA GLY A 100 -16.36 15.42 3.99
C GLY A 100 -16.14 14.63 2.70
N ILE A 101 -16.09 15.34 1.58
CA ILE A 101 -15.81 14.61 0.26
C ILE A 101 -14.27 14.70 0.03
N THR A 102 -13.63 13.48 0.06
CA THR A 102 -12.18 13.39 -0.03
C THR A 102 -11.70 13.05 -1.48
N LEU A 103 -10.41 13.15 -1.71
CA LEU A 103 -9.90 12.73 -3.01
C LEU A 103 -10.20 11.26 -3.21
N LEU A 104 -10.17 10.39 -2.18
CA LEU A 104 -10.55 8.98 -2.37
C LEU A 104 -12.00 8.91 -2.99
N HIS A 105 -12.94 9.67 -2.43
CA HIS A 105 -14.32 9.64 -2.99
C HIS A 105 -14.34 10.03 -4.49
N LEU A 106 -13.60 11.06 -4.84
CA LEU A 106 -13.54 11.49 -6.28
C LEU A 106 -12.99 10.41 -7.13
N ALA A 107 -11.86 9.83 -6.68
CA ALA A 107 -11.17 8.84 -7.56
C ALA A 107 -12.02 7.59 -7.73
N THR A 108 -12.94 7.27 -6.78
CA THR A 108 -13.63 5.96 -6.82
C THR A 108 -15.16 6.07 -7.06
N TYR A 109 -15.61 7.25 -7.48
CA TYR A 109 -16.99 7.47 -7.84
C TYR A 109 -17.93 7.42 -6.65
N THR A 110 -17.39 7.65 -5.46
CA THR A 110 -18.21 7.53 -4.24
C THR A 110 -18.55 8.86 -3.56
N ALA A 111 -18.41 9.98 -4.23
CA ALA A 111 -18.63 11.28 -3.59
C ALA A 111 -20.10 11.54 -3.21
N GLY A 112 -21.04 10.82 -3.81
CA GLY A 112 -22.46 10.93 -3.48
C GLY A 112 -23.26 11.32 -4.70
N GLY A 113 -22.91 10.76 -5.87
CA GLY A 113 -23.74 10.97 -7.05
C GLY A 113 -23.28 12.09 -7.99
N LEU A 114 -21.98 12.37 -8.09
CA LEU A 114 -21.56 13.33 -9.12
C LEU A 114 -21.95 12.74 -10.46
N PRO A 115 -22.28 13.60 -11.39
CA PRO A 115 -22.88 12.98 -12.55
C PRO A 115 -21.95 12.34 -13.57
N LEU A 116 -22.51 11.45 -14.38
CA LEU A 116 -21.72 10.73 -15.33
C LEU A 116 -20.87 11.62 -16.26
N GLN A 117 -21.50 12.67 -16.81
CA GLN A 117 -20.85 13.61 -17.75
C GLN A 117 -20.83 14.98 -17.16
N VAL A 118 -19.73 15.69 -17.47
CA VAL A 118 -19.66 17.11 -17.22
C VAL A 118 -20.49 17.71 -18.34
N PRO A 119 -21.36 18.67 -17.99
CA PRO A 119 -22.25 19.08 -19.07
C PRO A 119 -21.46 19.85 -20.16
N ASP A 120 -21.92 19.73 -21.39
CA ASP A 120 -21.30 20.37 -22.49
C ASP A 120 -21.11 21.87 -22.38
N GLU A 121 -22.05 22.53 -21.71
CA GLU A 121 -21.90 23.99 -21.54
C GLU A 121 -20.81 24.40 -20.57
N VAL A 122 -20.19 23.45 -19.85
CA VAL A 122 -19.08 23.83 -19.04
C VAL A 122 -17.80 23.93 -19.91
N LYS A 123 -17.28 25.13 -20.07
CA LYS A 123 -16.06 25.32 -20.82
C LYS A 123 -14.94 25.67 -19.87
N SER A 124 -14.97 26.91 -19.40
CA SER A 124 -13.92 27.53 -18.58
C SER A 124 -13.77 26.88 -17.23
N SER A 125 -12.69 27.21 -16.54
CA SER A 125 -12.51 26.67 -15.21
C SER A 125 -13.48 27.43 -14.22
N SER A 126 -13.85 28.69 -14.48
CA SER A 126 -14.96 29.27 -13.70
C SER A 126 -16.32 28.56 -13.94
N ASP A 127 -16.61 28.00 -15.15
CA ASP A 127 -17.88 27.28 -15.37
C ASP A 127 -17.77 26.00 -14.59
N LEU A 128 -16.57 25.43 -14.61
CA LEU A 128 -16.36 24.16 -13.88
C LEU A 128 -16.61 24.30 -12.35
N LEU A 129 -16.08 25.38 -11.75
CA LEU A 129 -16.32 25.71 -10.35
C LEU A 129 -17.77 25.87 -10.10
N ARG A 130 -18.48 26.61 -10.95
CA ARG A 130 -19.89 26.82 -10.71
C ARG A 130 -20.64 25.47 -10.76
N PHE A 131 -20.27 24.54 -11.73
CA PHE A 131 -20.91 23.25 -11.81
C PHE A 131 -20.74 22.48 -10.47
N TYR A 132 -19.50 22.36 -9.96
CA TYR A 132 -19.29 21.64 -8.71
C TYR A 132 -19.93 22.30 -7.48
N GLN A 133 -19.98 23.63 -7.52
CA GLN A 133 -20.58 24.32 -6.35
C GLN A 133 -22.05 24.11 -6.33
N ASN A 134 -22.67 24.06 -7.51
CA ASN A 134 -24.13 23.96 -7.57
C ASN A 134 -24.65 22.54 -7.47
N TRP A 135 -23.73 21.54 -7.65
CA TRP A 135 -24.14 20.15 -7.64
C TRP A 135 -24.71 19.72 -6.31
N GLN A 136 -25.84 19.04 -6.34
CA GLN A 136 -26.47 18.58 -5.11
C GLN A 136 -26.34 17.05 -4.99
N PRO A 137 -25.56 16.56 -4.00
CA PRO A 137 -25.46 15.12 -3.82
C PRO A 137 -26.79 14.49 -3.53
N ALA A 138 -26.93 13.33 -4.08
CA ALA A 138 -28.04 12.42 -3.75
C ALA A 138 -27.79 11.66 -2.45
N TRP A 139 -26.52 11.38 -2.12
CA TRP A 139 -26.15 10.54 -1.01
C TRP A 139 -25.03 11.10 -0.25
N ALA A 140 -24.90 10.58 0.99
CA ALA A 140 -23.68 10.92 1.76
C ALA A 140 -22.46 10.37 1.06
N PRO A 141 -21.29 10.98 1.32
CA PRO A 141 -20.06 10.44 0.76
C PRO A 141 -19.81 9.01 1.27
N GLY A 142 -19.21 8.23 0.38
CA GLY A 142 -18.82 6.89 0.68
C GLY A 142 -19.91 5.87 1.00
N THR A 143 -21.07 6.04 0.43
CA THR A 143 -22.13 5.13 0.63
C THR A 143 -22.62 4.45 -0.69
N GLN A 144 -22.52 5.16 -1.83
CA GLN A 144 -22.92 4.59 -3.12
C GLN A 144 -21.87 4.94 -4.23
N ARG A 145 -21.70 4.00 -5.14
CA ARG A 145 -20.86 4.20 -6.33
C ARG A 145 -21.74 4.50 -7.51
N LEU A 146 -21.42 5.58 -8.22
CA LEU A 146 -22.09 5.94 -9.50
C LEU A 146 -20.93 6.35 -10.38
N TYR A 147 -20.63 5.45 -11.37
CA TYR A 147 -19.52 5.75 -12.31
C TYR A 147 -19.69 7.13 -12.91
N ALA A 148 -18.62 7.92 -12.83
CA ALA A 148 -18.78 9.30 -13.29
C ALA A 148 -17.50 9.91 -13.83
N ASN A 149 -17.54 10.43 -15.06
CA ASN A 149 -16.39 11.16 -15.57
C ASN A 149 -16.13 12.42 -14.75
N SER A 150 -17.21 13.04 -14.18
CA SER A 150 -16.98 14.26 -13.46
C SER A 150 -16.32 13.99 -12.09
N SER A 151 -16.25 12.74 -11.67
CA SER A 151 -15.71 12.39 -10.35
C SER A 151 -14.21 12.11 -10.50
N ILE A 152 -13.87 11.11 -11.27
CA ILE A 152 -12.41 10.80 -11.44
C ILE A 152 -11.74 11.91 -12.27
N GLY A 153 -12.53 12.65 -13.09
CA GLY A 153 -11.94 13.75 -13.85
C GLY A 153 -11.45 14.86 -12.94
N LEU A 154 -12.27 15.18 -11.92
CA LEU A 154 -11.81 16.21 -10.95
C LEU A 154 -10.64 15.66 -10.07
N PHE A 155 -10.70 14.39 -9.73
CA PHE A 155 -9.59 13.80 -9.02
C PHE A 155 -8.28 14.04 -9.81
N GLY A 156 -8.30 13.72 -11.12
CA GLY A 156 -7.09 13.89 -11.99
C GLY A 156 -6.59 15.33 -11.95
N ALA A 157 -7.53 16.26 -12.15
CA ALA A 157 -7.18 17.66 -12.14
C ALA A 157 -6.54 18.14 -10.82
N LEU A 158 -7.09 17.70 -9.69
CA LEU A 158 -6.60 18.17 -8.40
C LEU A 158 -5.28 17.43 -8.02
N ALA A 159 -5.11 16.16 -8.46
CA ALA A 159 -4.06 15.34 -7.94
C ALA A 159 -2.73 15.98 -8.45
N VAL A 160 -2.79 16.66 -9.60
CA VAL A 160 -1.52 17.19 -10.17
C VAL A 160 -1.26 18.63 -9.65
N LYS A 161 -2.19 19.26 -8.92
CA LYS A 161 -1.95 20.71 -8.56
C LYS A 161 -0.62 20.90 -7.78
N PRO A 162 -0.34 20.08 -6.73
CA PRO A 162 0.90 20.34 -6.00
C PRO A 162 2.19 20.25 -6.80
N SER A 163 2.22 19.38 -7.81
CA SER A 163 3.30 19.22 -8.77
C SER A 163 3.68 20.50 -9.49
N GLY A 164 2.73 21.42 -9.74
CA GLY A 164 2.89 22.63 -10.54
C GLY A 164 2.87 22.36 -12.04
N LEU A 165 2.56 21.12 -12.44
CA LEU A 165 2.50 20.77 -13.88
C LEU A 165 1.06 20.68 -14.33
N SER A 166 0.87 20.85 -15.63
CA SER A 166 -0.44 20.67 -16.24
C SER A 166 -0.65 19.11 -16.11
N PHE A 167 -1.90 18.71 -16.12
CA PHE A 167 -2.24 17.24 -16.15
C PHE A 167 -1.51 16.57 -17.30
N GLU A 168 -1.53 17.20 -18.48
CA GLU A 168 -0.84 16.65 -19.66
C GLU A 168 0.70 16.50 -19.43
N GLN A 169 1.34 17.58 -18.92
CA GLN A 169 2.74 17.48 -18.58
C GLN A 169 3.09 16.50 -17.52
N ALA A 170 2.24 16.36 -16.47
CA ALA A 170 2.57 15.42 -15.45
C ALA A 170 2.44 14.00 -16.07
N MET A 171 1.36 13.77 -16.84
CA MET A 171 1.14 12.46 -17.41
C MET A 171 2.33 12.07 -18.30
N GLN A 172 2.71 13.02 -19.18
N GLN A 172 2.77 12.94 -19.22
CA GLN A 172 3.90 12.84 -20.06
CA GLN A 172 3.99 12.58 -20.04
C GLN A 172 5.20 12.51 -19.37
C GLN A 172 5.24 12.33 -19.21
N THR A 173 5.53 13.27 -18.32
CA THR A 173 6.82 13.13 -17.65
C THR A 173 6.86 12.05 -16.64
N ARG A 174 5.73 11.77 -15.96
CA ARG A 174 5.71 10.84 -14.88
C ARG A 174 5.21 9.44 -15.17
N VAL A 175 4.50 9.29 -16.27
CA VAL A 175 3.97 7.99 -16.65
C VAL A 175 4.36 7.53 -18.06
N PHE A 176 4.01 8.31 -19.05
CA PHE A 176 4.28 7.92 -20.50
C PHE A 176 5.77 7.76 -20.77
N GLN A 177 6.53 8.81 -20.46
CA GLN A 177 8.02 8.74 -20.65
C GLN A 177 8.78 7.65 -19.95
N PRO A 178 8.64 7.53 -18.61
CA PRO A 178 9.27 6.45 -17.86
C PRO A 178 8.94 5.03 -18.37
N LEU A 179 7.71 4.82 -18.90
CA LEU A 179 7.32 3.53 -19.39
C LEU A 179 7.54 3.33 -20.89
N LYS A 180 8.18 4.31 -21.49
CA LYS A 180 8.45 4.34 -22.97
C LYS A 180 7.19 4.16 -23.79
N LEU A 181 6.15 4.90 -23.37
CA LEU A 181 4.91 4.89 -24.12
C LEU A 181 5.06 6.11 -25.04
N ASN A 182 5.84 5.93 -26.10
CA ASN A 182 6.21 7.09 -26.89
C ASN A 182 5.30 7.35 -28.05
N HIS A 183 4.20 6.55 -28.18
CA HIS A 183 3.17 6.78 -29.16
C HIS A 183 1.81 6.76 -28.45
N THR A 184 1.80 7.34 -27.23
CA THR A 184 0.56 7.53 -26.44
C THR A 184 0.40 9.01 -26.18
N TRP A 185 -0.78 9.53 -26.44
CA TRP A 185 -0.99 10.98 -26.49
C TRP A 185 -2.27 11.40 -25.87
N ILE A 186 -2.29 12.55 -25.18
CA ILE A 186 -3.59 13.18 -24.81
C ILE A 186 -4.01 14.06 -25.99
N ASN A 187 -3.02 14.76 -26.64
CA ASN A 187 -3.30 15.50 -27.84
C ASN A 187 -2.40 14.91 -28.98
N VAL A 188 -3.03 14.43 -30.02
CA VAL A 188 -2.23 13.78 -31.07
C VAL A 188 -1.45 14.88 -31.85
N PRO A 189 -0.13 14.74 -31.91
CA PRO A 189 0.62 15.83 -32.62
C PRO A 189 0.42 15.70 -34.13
N PRO A 190 0.53 16.82 -34.86
CA PRO A 190 0.50 16.74 -36.33
C PRO A 190 1.34 15.64 -36.96
N ALA A 191 2.53 15.43 -36.47
CA ALA A 191 3.45 14.41 -37.02
C ALA A 191 2.85 12.99 -36.95
N GLU A 192 1.87 12.78 -36.03
CA GLU A 192 1.35 11.43 -35.81
C GLU A 192 -0.04 11.25 -36.38
N GLU A 193 -0.65 12.30 -36.99
CA GLU A 193 -1.97 12.20 -37.62
C GLU A 193 -2.10 11.11 -38.64
N LYS A 194 -1.03 10.81 -39.40
CA LYS A 194 -1.09 9.77 -40.42
C LYS A 194 -1.43 8.41 -39.79
N ASN A 195 -1.21 8.27 -38.49
CA ASN A 195 -1.45 6.97 -37.78
C ASN A 195 -2.74 7.00 -36.98
N TYR A 196 -3.45 8.14 -36.96
CA TYR A 196 -4.67 8.19 -36.14
C TYR A 196 -5.83 7.60 -36.90
N ALA A 197 -6.35 6.46 -36.40
CA ALA A 197 -7.54 5.90 -37.02
C ALA A 197 -8.75 6.81 -36.94
N TRP A 198 -9.69 6.68 -37.86
CA TRP A 198 -10.96 7.29 -37.66
C TRP A 198 -11.83 6.37 -36.85
N GLY A 199 -12.72 6.91 -36.01
CA GLY A 199 -13.77 6.04 -35.45
C GLY A 199 -14.98 6.06 -36.36
N TYR A 200 -15.87 5.09 -36.16
CA TYR A 200 -17.04 4.93 -37.08
C TYR A 200 -18.27 4.79 -36.21
N ARG A 201 -19.20 5.74 -36.44
CA ARG A 201 -20.43 5.76 -35.65
C ARG A 201 -21.53 5.95 -36.74
N GLU A 202 -22.40 4.97 -36.86
CA GLU A 202 -23.43 4.95 -37.93
C GLU A 202 -22.82 5.13 -39.31
N GLY A 203 -21.70 4.46 -39.58
CA GLY A 203 -20.96 4.63 -40.84
C GLY A 203 -20.27 5.99 -41.07
N LYS A 204 -20.35 6.94 -40.14
CA LYS A 204 -19.64 8.19 -40.34
C LYS A 204 -18.29 8.17 -39.56
N ALA A 205 -17.25 8.75 -40.15
CA ALA A 205 -15.88 8.83 -39.56
C ALA A 205 -15.92 9.99 -38.54
N VAL A 206 -15.53 9.70 -37.29
CA VAL A 206 -15.61 10.66 -36.21
C VAL A 206 -14.40 10.54 -35.28
N HIS A 207 -14.05 11.66 -34.64
CA HIS A 207 -13.02 11.63 -33.56
C HIS A 207 -13.64 12.26 -32.34
N VAL A 208 -13.07 11.94 -31.18
CA VAL A 208 -13.64 12.52 -29.91
C VAL A 208 -13.58 14.05 -29.93
N SER A 209 -14.67 14.63 -29.39
N SER A 209 -14.63 14.71 -29.45
CA SER A 209 -14.81 16.09 -29.23
CA SER A 209 -14.62 16.17 -29.48
C SER A 209 -14.11 16.62 -27.98
C SER A 209 -14.19 16.65 -28.12
N PRO A 210 -13.55 17.85 -28.04
CA PRO A 210 -13.02 18.46 -26.80
C PRO A 210 -14.17 18.57 -25.76
N GLY A 211 -13.81 18.40 -24.51
CA GLY A 211 -14.81 18.68 -23.41
C GLY A 211 -14.06 18.88 -22.12
N ALA A 212 -14.76 19.44 -21.11
CA ALA A 212 -14.03 19.69 -19.86
C ALA A 212 -13.65 18.36 -19.15
N LEU A 213 -12.44 18.35 -18.61
CA LEU A 213 -11.81 17.17 -17.95
C LEU A 213 -11.74 16.01 -18.91
N ASP A 214 -11.67 16.26 -20.21
CA ASP A 214 -11.52 15.19 -21.17
C ASP A 214 -10.22 14.42 -21.00
N ALA A 215 -9.11 15.12 -20.84
CA ALA A 215 -7.81 14.43 -20.72
C ALA A 215 -7.86 13.42 -19.58
N GLU A 216 -8.46 13.86 -18.48
CA GLU A 216 -8.45 13.09 -17.24
C GLU A 216 -9.41 11.88 -17.25
N ALA A 217 -10.49 11.95 -18.00
CA ALA A 217 -11.49 10.92 -17.95
C ALA A 217 -11.54 10.04 -19.19
N TYR A 218 -11.24 10.58 -20.37
CA TYR A 218 -11.45 9.79 -21.57
C TYR A 218 -10.63 10.18 -22.78
N GLY A 219 -9.57 10.91 -22.56
CA GLY A 219 -8.94 11.53 -23.78
C GLY A 219 -7.61 10.94 -24.26
N VAL A 220 -7.16 9.77 -23.79
CA VAL A 220 -5.89 9.23 -24.27
C VAL A 220 -6.06 8.44 -25.59
N LYS A 221 -5.03 8.57 -26.47
CA LYS A 221 -5.04 7.75 -27.72
C LYS A 221 -3.77 6.98 -27.66
N SER A 222 -3.73 5.75 -28.17
CA SER A 222 -2.48 4.97 -28.05
C SER A 222 -2.49 3.91 -29.13
N THR A 223 -1.30 3.30 -29.26
CA THR A 223 -1.17 2.09 -30.14
C THR A 223 -1.29 0.80 -29.44
N ILE A 224 -1.41 -0.29 -30.20
CA ILE A 224 -1.51 -1.59 -29.60
C ILE A 224 -0.18 -1.96 -28.93
N GLU A 225 0.99 -1.44 -29.46
CA GLU A 225 2.25 -1.74 -28.82
C GLU A 225 2.38 -1.02 -27.49
N ASP A 226 2.01 0.25 -27.45
CA ASP A 226 2.15 0.97 -26.20
C ASP A 226 1.13 0.41 -25.16
N MET A 227 -0.04 0.01 -25.65
CA MET A 227 -1.02 -0.56 -24.68
C MET A 227 -0.56 -1.89 -24.14
N ALA A 228 0.12 -2.68 -24.96
CA ALA A 228 0.72 -3.91 -24.43
C ALA A 228 1.78 -3.62 -23.39
N ARG A 229 2.60 -2.59 -23.60
CA ARG A 229 3.55 -2.18 -22.61
C ARG A 229 2.88 -1.65 -21.32
N TRP A 230 1.77 -0.95 -21.50
CA TRP A 230 0.99 -0.53 -20.30
C TRP A 230 0.50 -1.73 -19.51
N VAL A 231 -0.01 -2.77 -20.20
CA VAL A 231 -0.48 -3.96 -19.53
C VAL A 231 0.74 -4.64 -18.82
N GLN A 232 1.90 -4.74 -19.51
CA GLN A 232 3.08 -5.32 -18.86
C GLN A 232 3.48 -4.60 -17.61
N SER A 233 3.43 -3.27 -17.66
CA SER A 233 3.77 -2.44 -16.51
C SER A 233 2.82 -2.67 -15.36
N ASN A 234 1.52 -2.81 -15.66
CA ASN A 234 0.58 -3.08 -14.59
C ASN A 234 0.60 -4.50 -14.06
N LEU A 235 1.02 -5.43 -14.89
CA LEU A 235 1.19 -6.82 -14.45
C LEU A 235 2.33 -7.00 -13.52
N LYS A 236 3.43 -6.31 -13.74
CA LYS A 236 4.69 -6.46 -13.01
C LYS A 236 5.27 -5.15 -12.59
N PRO A 237 4.66 -4.45 -11.62
CA PRO A 237 5.12 -3.10 -11.31
C PRO A 237 6.53 -3.13 -10.68
N LEU A 238 6.92 -4.29 -10.18
CA LEU A 238 8.23 -4.36 -9.50
C LEU A 238 9.39 -4.16 -10.48
N ASP A 239 9.18 -4.48 -11.76
CA ASP A 239 10.17 -4.22 -12.83
C ASP A 239 10.37 -2.73 -13.16
N ILE A 240 9.52 -1.84 -12.66
CA ILE A 240 9.62 -0.46 -13.00
C ILE A 240 10.68 0.18 -12.12
N ASN A 241 11.57 0.94 -12.74
CA ASN A 241 12.72 1.52 -12.02
C ASN A 241 12.36 2.73 -11.19
N GLU A 242 11.42 3.56 -11.64
CA GLU A 242 11.05 4.78 -10.90
C GLU A 242 10.20 4.38 -9.74
N LYS A 243 10.68 4.67 -8.52
CA LYS A 243 10.09 4.08 -7.32
C LYS A 243 8.62 4.58 -7.12
N THR A 244 8.41 5.89 -7.23
CA THR A 244 7.02 6.44 -7.01
C THR A 244 6.05 5.85 -8.08
N LEU A 245 6.51 5.61 -9.28
CA LEU A 245 5.59 5.04 -10.32
C LEU A 245 5.23 3.62 -10.01
N GLN A 246 6.23 2.84 -9.55
CA GLN A 246 6.01 1.45 -9.19
C GLN A 246 4.97 1.42 -8.07
N GLN A 247 5.11 2.30 -7.11
CA GLN A 247 4.18 2.39 -6.06
C GLN A 247 2.81 2.86 -6.52
N GLY A 248 2.80 3.87 -7.39
CA GLY A 248 1.50 4.39 -7.92
C GLY A 248 0.72 3.30 -8.63
N ILE A 249 1.41 2.47 -9.43
CA ILE A 249 0.72 1.32 -10.04
C ILE A 249 0.11 0.38 -8.99
N GLN A 250 0.87 0.08 -7.95
CA GLN A 250 0.29 -0.73 -6.89
C GLN A 250 -0.90 -0.09 -6.22
N LEU A 251 -0.85 1.24 -5.96
CA LEU A 251 -1.95 1.88 -5.27
C LEU A 251 -3.22 1.85 -6.18
N ALA A 252 -2.98 1.89 -7.49
CA ALA A 252 -4.18 1.95 -8.38
C ALA A 252 -4.92 0.59 -8.41
N GLN A 253 -4.23 -0.48 -8.06
CA GLN A 253 -4.84 -1.80 -7.98
C GLN A 253 -5.20 -2.27 -6.56
N SER A 254 -5.12 -1.33 -5.64
CA SER A 254 -5.60 -1.64 -4.24
C SER A 254 -7.17 -1.67 -4.29
N ARG A 255 -7.80 -2.39 -3.35
CA ARG A 255 -9.24 -2.57 -3.39
C ARG A 255 -9.81 -1.63 -2.32
N TYR A 256 -10.50 -0.58 -2.79
CA TYR A 256 -10.98 0.50 -1.88
C TYR A 256 -12.43 0.26 -1.42
N TRP A 257 -13.24 -0.34 -2.31
CA TRP A 257 -14.71 -0.47 -2.11
C TRP A 257 -15.12 -1.76 -2.76
N GLN A 258 -16.15 -2.38 -2.21
CA GLN A 258 -16.73 -3.61 -2.87
C GLN A 258 -18.17 -3.39 -3.19
N THR A 259 -18.54 -3.70 -4.44
N THR A 259 -18.59 -3.81 -4.38
CA THR A 259 -19.96 -3.82 -4.84
CA THR A 259 -20.02 -3.84 -4.72
C THR A 259 -20.12 -5.19 -5.49
C THR A 259 -20.27 -5.07 -5.54
N GLY A 260 -21.07 -6.00 -5.01
CA GLY A 260 -21.27 -7.33 -5.67
C GLY A 260 -19.93 -8.06 -5.59
N ASP A 261 -19.45 -8.53 -6.73
CA ASP A 261 -18.23 -9.31 -6.76
C ASP A 261 -17.09 -8.37 -7.26
N MET A 262 -17.36 -7.08 -7.39
CA MET A 262 -16.31 -6.19 -7.97
C MET A 262 -15.72 -5.24 -6.93
N TYR A 263 -14.46 -4.93 -7.11
CA TYR A 263 -13.73 -4.04 -6.23
C TYR A 263 -13.25 -2.88 -7.01
N GLN A 264 -13.39 -1.70 -6.42
CA GLN A 264 -12.96 -0.50 -7.11
C GLN A 264 -11.56 -0.09 -6.75
N GLY A 265 -10.69 0.05 -7.77
CA GLY A 265 -9.28 0.59 -7.63
C GLY A 265 -9.28 2.06 -8.06
N LEU A 266 -8.12 2.57 -8.43
CA LEU A 266 -8.06 3.94 -8.92
C LEU A 266 -7.97 3.73 -10.48
N GLY A 267 -9.12 3.96 -11.09
CA GLY A 267 -9.21 3.66 -12.57
C GLY A 267 -9.52 2.20 -12.81
N TRP A 268 -8.56 1.32 -12.47
CA TRP A 268 -8.83 -0.08 -12.61
C TRP A 268 -9.97 -0.58 -11.74
N GLU A 269 -10.63 -1.63 -12.22
CA GLU A 269 -11.62 -2.40 -11.45
C GLU A 269 -11.17 -3.85 -11.40
N MET A 270 -11.51 -4.51 -10.27
CA MET A 270 -10.89 -5.85 -10.06
C MET A 270 -11.94 -6.84 -9.57
N LEU A 271 -11.74 -8.08 -9.94
CA LEU A 271 -12.50 -9.20 -9.32
C LEU A 271 -11.50 -10.29 -8.91
N ASP A 272 -11.86 -11.07 -7.90
CA ASP A 272 -11.04 -12.25 -7.64
C ASP A 272 -11.05 -13.23 -8.81
N TRP A 273 -9.88 -13.82 -9.05
CA TRP A 273 -9.66 -14.84 -10.05
C TRP A 273 -9.49 -16.18 -9.36
N PRO A 274 -10.17 -17.23 -9.80
CA PRO A 274 -10.85 -17.31 -11.06
C PRO A 274 -12.18 -16.63 -10.95
N VAL A 275 -12.69 -16.16 -12.09
CA VAL A 275 -13.83 -15.27 -12.03
C VAL A 275 -14.86 -16.04 -12.66
N ASN A 276 -16.07 -15.82 -12.17
CA ASN A 276 -17.22 -16.32 -12.88
C ASN A 276 -17.36 -15.41 -14.14
N PRO A 277 -17.20 -15.95 -15.36
CA PRO A 277 -17.32 -15.07 -16.57
C PRO A 277 -18.66 -14.32 -16.74
N ASP A 278 -19.77 -14.92 -16.33
CA ASP A 278 -21.03 -14.20 -16.15
C ASP A 278 -20.98 -12.94 -15.28
N SER A 279 -20.09 -12.90 -14.28
CA SER A 279 -19.98 -11.76 -13.35
C SER A 279 -19.36 -10.59 -14.06
N ILE A 280 -18.37 -10.91 -14.90
CA ILE A 280 -17.71 -9.83 -15.65
C ILE A 280 -18.46 -9.54 -16.99
N ILE A 281 -19.10 -10.57 -17.58
CA ILE A 281 -19.69 -10.42 -18.94
C ILE A 281 -20.90 -9.48 -18.84
N ASN A 282 -21.95 -9.89 -18.09
CA ASN A 282 -23.07 -8.99 -17.76
C ASN A 282 -22.62 -7.75 -16.97
N GLY A 283 -21.64 -7.89 -16.04
CA GLY A 283 -21.13 -6.76 -15.22
C GLY A 283 -20.72 -5.53 -16.05
N SER A 284 -20.19 -5.76 -17.27
CA SER A 284 -19.68 -4.66 -18.17
C SER A 284 -20.75 -3.78 -18.89
N ASP A 285 -21.92 -4.35 -19.13
CA ASP A 285 -23.10 -3.60 -19.59
C ASP A 285 -23.36 -2.36 -18.70
N ILE A 288 -26.95 -0.33 -19.30
CA ILE A 288 -27.49 0.59 -18.30
C ILE A 288 -26.79 1.97 -18.33
N ALA A 289 -27.57 3.03 -18.61
CA ALA A 289 -27.10 4.45 -18.66
C ALA A 289 -26.64 5.01 -17.28
N LEU A 290 -27.24 4.48 -16.19
CA LEU A 290 -26.82 4.78 -14.80
C LEU A 290 -27.22 3.55 -13.89
N ALA A 291 -26.22 2.89 -13.23
CA ALA A 291 -26.42 1.98 -12.12
C ALA A 291 -25.77 2.53 -10.84
N ALA A 292 -26.64 2.92 -9.91
CA ALA A 292 -26.19 3.36 -8.59
C ALA A 292 -26.14 2.10 -7.75
N ARG A 293 -24.98 1.83 -7.12
CA ARG A 293 -24.82 0.61 -6.33
C ARG A 293 -24.27 0.98 -4.94
N PRO A 294 -24.90 0.47 -3.89
CA PRO A 294 -24.28 0.65 -2.57
C PRO A 294 -22.92 0.02 -2.47
N VAL A 295 -21.98 0.65 -1.75
CA VAL A 295 -20.62 0.09 -1.60
C VAL A 295 -20.29 -0.20 -0.15
N LYS A 296 -19.49 -1.25 0.06
CA LYS A 296 -18.96 -1.50 1.42
C LYS A 296 -17.52 -0.97 1.33
N ALA A 297 -17.13 -0.14 2.29
CA ALA A 297 -15.71 0.27 2.42
C ALA A 297 -14.83 -0.96 2.83
N ILE A 298 -13.69 -1.05 2.17
N ILE A 298 -13.64 -0.98 2.26
CA ILE A 298 -12.59 -1.96 2.54
CA ILE A 298 -12.63 -1.98 2.54
C ILE A 298 -11.68 -1.14 3.44
C ILE A 298 -11.57 -1.29 3.39
N THR A 299 -11.72 -1.50 4.72
CA THR A 299 -11.05 -0.68 5.74
C THR A 299 -10.00 -1.50 6.51
N PRO A 300 -8.73 -1.29 6.21
CA PRO A 300 -8.14 -0.41 5.16
C PRO A 300 -8.11 -1.16 3.83
N PRO A 301 -7.80 -0.40 2.77
CA PRO A 301 -7.86 -1.00 1.39
C PRO A 301 -6.91 -2.21 1.34
N THR A 302 -7.30 -3.21 0.57
CA THR A 302 -6.47 -4.40 0.36
C THR A 302 -5.38 -4.12 -0.69
N PRO A 303 -4.08 -4.35 -0.37
CA PRO A 303 -3.03 -4.05 -1.39
C PRO A 303 -3.31 -4.94 -2.60
N ALA A 304 -2.75 -4.51 -3.74
CA ALA A 304 -3.07 -5.22 -4.99
C ALA A 304 -2.93 -6.77 -4.86
N VAL A 305 -3.99 -7.47 -5.15
CA VAL A 305 -4.09 -8.90 -5.02
C VAL A 305 -3.67 -9.51 -6.38
N ARG A 306 -2.57 -10.29 -6.34
CA ARG A 306 -2.14 -10.94 -7.58
C ARG A 306 -3.16 -11.86 -8.26
N ALA A 307 -3.96 -12.66 -7.53
CA ALA A 307 -5.04 -13.47 -8.10
C ALA A 307 -6.31 -12.65 -8.39
N SER A 308 -6.22 -11.71 -9.35
CA SER A 308 -7.32 -10.81 -9.66
C SER A 308 -7.49 -10.82 -11.15
N TRP A 309 -8.70 -10.58 -11.62
CA TRP A 309 -8.96 -10.19 -12.97
C TRP A 309 -9.05 -8.68 -12.89
N VAL A 310 -8.11 -7.97 -13.50
CA VAL A 310 -8.05 -6.53 -13.35
C VAL A 310 -8.45 -6.02 -14.74
N HIS A 311 -9.39 -5.08 -14.79
CA HIS A 311 -9.81 -4.71 -16.15
C HIS A 311 -10.38 -3.30 -16.21
N LYS A 312 -10.57 -2.81 -17.45
CA LYS A 312 -11.28 -1.56 -17.68
C LYS A 312 -11.80 -1.51 -19.10
N THR A 313 -13.07 -1.15 -19.19
N THR A 313 -13.08 -1.20 -19.22
CA THR A 313 -13.69 -0.89 -20.51
CA THR A 313 -13.67 -0.98 -20.58
C THR A 313 -13.57 0.59 -20.92
C THR A 313 -13.75 0.54 -20.92
N GLY A 314 -13.74 0.86 -22.22
CA GLY A 314 -13.72 2.27 -22.64
C GLY A 314 -14.36 2.48 -23.98
N ALA A 315 -15.05 3.59 -24.15
CA ALA A 315 -15.66 3.94 -25.44
C ALA A 315 -15.58 5.41 -25.69
N THR A 316 -15.50 5.74 -26.97
CA THR A 316 -15.86 7.10 -27.40
C THR A 316 -16.95 6.88 -28.51
N GLY A 317 -17.38 7.99 -29.13
CA GLY A 317 -18.53 7.81 -30.04
C GLY A 317 -18.15 6.81 -31.14
N GLY A 318 -16.87 6.84 -31.57
CA GLY A 318 -16.42 5.99 -32.69
C GLY A 318 -15.48 4.86 -32.34
N PHE A 319 -15.20 4.60 -31.04
CA PHE A 319 -14.17 3.59 -30.63
C PHE A 319 -14.60 2.75 -29.45
N GLY A 320 -14.15 1.52 -29.42
CA GLY A 320 -14.46 0.61 -28.25
C GLY A 320 -13.17 -0.08 -27.87
N SER A 321 -12.77 0.06 -26.59
N SER A 321 -12.81 0.00 -26.59
CA SER A 321 -11.51 -0.51 -26.09
CA SER A 321 -11.60 -0.62 -26.10
C SER A 321 -11.74 -1.39 -24.86
C SER A 321 -11.83 -1.53 -24.91
N TYR A 322 -10.81 -2.34 -24.60
CA TYR A 322 -10.91 -3.18 -23.42
C TYR A 322 -9.56 -3.63 -23.05
N VAL A 323 -9.30 -3.62 -21.75
CA VAL A 323 -8.00 -4.15 -21.28
C VAL A 323 -8.30 -5.03 -20.04
N ALA A 324 -7.68 -6.24 -19.99
CA ALA A 324 -7.87 -7.10 -18.80
C ALA A 324 -6.54 -7.85 -18.58
N PHE A 325 -6.21 -8.13 -17.33
CA PHE A 325 -4.98 -8.88 -17.09
C PHE A 325 -5.12 -9.65 -15.75
N ILE A 326 -4.25 -10.65 -15.54
CA ILE A 326 -4.32 -11.47 -14.34
C ILE A 326 -2.90 -11.55 -13.80
N PRO A 327 -2.53 -10.81 -12.73
CA PRO A 327 -1.14 -10.67 -12.33
C PRO A 327 -0.56 -12.04 -11.97
N GLU A 328 -1.36 -12.89 -11.35
CA GLU A 328 -0.68 -14.14 -10.90
C GLU A 328 -0.36 -15.10 -12.05
N LYS A 329 -0.92 -14.88 -13.24
CA LYS A 329 -0.67 -15.75 -14.41
C LYS A 329 0.20 -15.09 -15.44
N GLU A 330 0.59 -13.82 -15.22
CA GLU A 330 1.48 -13.05 -16.12
C GLU A 330 0.79 -12.97 -17.51
N LEU A 331 -0.53 -12.79 -17.46
CA LEU A 331 -1.37 -12.95 -18.65
C LEU A 331 -2.21 -11.68 -18.82
N GLY A 332 -2.27 -11.18 -20.06
CA GLY A 332 -3.14 -9.99 -20.27
C GLY A 332 -3.63 -9.88 -21.71
N ILE A 333 -4.55 -8.94 -21.93
CA ILE A 333 -5.08 -8.71 -23.29
C ILE A 333 -5.48 -7.28 -23.44
N VAL A 334 -5.28 -6.76 -24.66
CA VAL A 334 -5.78 -5.42 -25.02
C VAL A 334 -6.52 -5.61 -26.32
N MET A 335 -7.75 -5.06 -26.37
CA MET A 335 -8.59 -5.06 -27.58
C MET A 335 -8.91 -3.63 -27.94
N LEU A 336 -8.48 -3.22 -29.11
CA LEU A 336 -8.77 -1.81 -29.60
C LEU A 336 -9.51 -1.88 -30.90
N ALA A 337 -10.62 -1.18 -30.97
CA ALA A 337 -11.46 -1.20 -32.19
C ALA A 337 -11.97 0.19 -32.51
N ASN A 338 -12.16 0.49 -33.80
CA ASN A 338 -12.71 1.77 -34.20
C ASN A 338 -14.19 1.72 -34.51
N LYS A 339 -14.89 0.99 -33.66
CA LYS A 339 -16.33 1.10 -33.54
C LYS A 339 -16.66 0.81 -32.02
N ASN A 340 -17.67 1.53 -31.50
CA ASN A 340 -18.10 1.31 -30.09
C ASN A 340 -19.17 0.20 -30.09
N TYR A 341 -18.80 -1.01 -29.81
CA TYR A 341 -19.72 -2.19 -29.92
C TYR A 341 -19.96 -2.63 -28.47
N PRO A 342 -20.98 -3.46 -28.21
CA PRO A 342 -21.34 -3.70 -26.81
C PRO A 342 -20.23 -4.27 -25.88
N ASN A 343 -20.17 -3.74 -24.62
CA ASN A 343 -19.16 -4.19 -23.67
C ASN A 343 -19.17 -5.72 -23.41
N PRO A 344 -20.39 -6.35 -23.30
CA PRO A 344 -20.37 -7.83 -23.02
C PRO A 344 -19.64 -8.65 -24.07
N ALA A 345 -19.71 -8.20 -25.33
CA ALA A 345 -19.00 -8.85 -26.44
C ALA A 345 -17.50 -8.75 -26.25
N ARG A 346 -17.01 -7.60 -25.71
CA ARG A 346 -15.58 -7.44 -25.38
C ARG A 346 -15.13 -8.38 -24.29
N VAL A 347 -15.86 -8.39 -23.17
CA VAL A 347 -15.49 -9.19 -22.04
C VAL A 347 -15.51 -10.67 -22.44
N ASP A 348 -16.56 -11.04 -23.15
CA ASP A 348 -16.71 -12.46 -23.52
C ASP A 348 -15.49 -12.98 -24.35
N ALA A 349 -15.11 -12.21 -25.39
CA ALA A 349 -13.88 -12.50 -26.20
C ALA A 349 -12.63 -12.58 -25.34
N ALA A 350 -12.44 -11.55 -24.46
CA ALA A 350 -11.25 -11.54 -23.63
C ALA A 350 -11.18 -12.73 -22.70
N TRP A 351 -12.32 -13.06 -22.08
CA TRP A 351 -12.35 -14.19 -21.17
C TRP A 351 -12.09 -15.50 -21.93
N GLN A 352 -12.68 -15.65 -23.10
N GLN A 352 -12.70 -15.69 -23.09
CA GLN A 352 -12.52 -16.88 -23.93
CA GLN A 352 -12.44 -16.89 -23.88
C GLN A 352 -11.04 -17.05 -24.35
C GLN A 352 -10.92 -17.01 -24.08
N ILE A 353 -10.32 -15.94 -24.62
CA ILE A 353 -8.85 -16.01 -24.89
C ILE A 353 -8.00 -16.29 -23.65
N LEU A 354 -8.22 -15.55 -22.56
CA LEU A 354 -7.28 -15.68 -21.47
C LEU A 354 -7.56 -17.03 -20.72
N ASN A 355 -8.81 -17.39 -20.64
CA ASN A 355 -9.16 -18.69 -19.99
C ASN A 355 -8.47 -19.89 -20.70
N ALA A 356 -8.47 -19.85 -22.04
CA ALA A 356 -7.74 -20.84 -22.89
C ALA A 356 -6.23 -20.86 -22.71
N LEU A 357 -5.63 -19.76 -22.30
CA LEU A 357 -4.18 -19.65 -22.15
C LEU A 357 -3.67 -19.91 -20.75
N GLN A 358 -4.56 -20.16 -19.82
CA GLN A 358 -4.03 -20.52 -18.52
C GLN A 358 -4.52 -21.90 -18.16
N ALA B 1 34.87 5.22 12.70
CA ALA B 1 33.72 6.12 12.48
C ALA B 1 34.21 7.55 12.19
N PRO B 2 33.51 8.31 11.31
CA PRO B 2 33.88 9.72 11.30
C PRO B 2 33.88 10.34 12.71
N GLN B 3 34.74 11.34 12.88
CA GLN B 3 34.96 11.96 14.16
C GLN B 3 33.65 12.58 14.65
N GLN B 4 32.82 13.10 13.75
CA GLN B 4 31.60 13.78 14.24
C GLN B 4 30.64 12.74 14.87
N ILE B 5 30.67 11.49 14.39
CA ILE B 5 29.80 10.43 14.99
C ILE B 5 30.38 9.98 16.34
N ASN B 6 31.68 9.69 16.35
CA ASN B 6 32.32 9.35 17.62
C ASN B 6 32.08 10.43 18.70
N ASP B 7 32.23 11.73 18.32
CA ASP B 7 32.16 12.80 19.30
C ASP B 7 30.73 12.89 19.90
N ILE B 8 29.68 12.91 19.07
CA ILE B 8 28.34 13.06 19.65
C ILE B 8 27.87 11.81 20.42
N VAL B 9 28.31 10.60 19.97
CA VAL B 9 27.96 9.35 20.69
C VAL B 9 28.61 9.34 22.08
N HIS B 10 29.90 9.62 22.13
CA HIS B 10 30.64 9.65 23.38
C HIS B 10 30.10 10.68 24.31
N ARG B 11 29.83 11.87 23.81
CA ARG B 11 29.30 12.91 24.67
C ARG B 11 27.90 12.68 25.16
N THR B 12 27.13 11.87 24.44
CA THR B 12 25.73 11.65 24.86
C THR B 12 25.51 10.31 25.61
N ILE B 13 25.98 9.22 25.04
CA ILE B 13 25.70 7.91 25.59
C ILE B 13 26.60 7.66 26.80
N THR B 14 27.87 8.05 26.70
CA THR B 14 28.75 7.63 27.79
C THR B 14 28.27 8.24 29.10
N PRO B 15 27.87 9.54 29.09
CA PRO B 15 27.32 10.11 30.34
C PRO B 15 25.98 9.55 30.79
N LEU B 16 25.09 9.20 29.84
CA LEU B 16 23.83 8.55 30.13
C LEU B 16 24.06 7.24 30.95
N ILE B 17 25.05 6.43 30.54
CA ILE B 17 25.37 5.19 31.18
C ILE B 17 25.77 5.49 32.63
N GLU B 18 26.61 6.54 32.81
CA GLU B 18 27.02 6.86 34.20
C GLU B 18 25.78 7.25 34.97
N GLN B 19 24.96 8.15 34.39
CA GLN B 19 23.77 8.67 35.12
C GLN B 19 22.77 7.60 35.47
N GLN B 20 22.58 6.62 34.58
CA GLN B 20 21.53 5.67 34.79
C GLN B 20 22.05 4.42 35.42
N LYS B 21 23.37 4.37 35.64
CA LYS B 21 23.98 3.22 36.23
C LYS B 21 23.78 1.92 35.40
N ILE B 22 23.94 2.06 34.08
CA ILE B 22 23.78 0.91 33.17
C ILE B 22 24.99 0.06 33.14
N PRO B 23 24.82 -1.26 33.42
CA PRO B 23 25.97 -2.16 33.40
C PRO B 23 26.59 -2.39 32.06
N GLY B 24 25.79 -2.45 30.98
CA GLY B 24 26.40 -2.78 29.72
C GLY B 24 25.47 -2.16 28.64
N MET B 25 26.04 -1.75 27.53
CA MET B 25 25.31 -0.98 26.51
C MET B 25 25.99 -1.20 25.15
N ALA B 26 25.16 -1.36 24.10
CA ALA B 26 25.71 -1.39 22.71
C ALA B 26 24.83 -0.38 21.97
N VAL B 27 25.45 0.34 21.05
CA VAL B 27 24.70 1.36 20.27
C VAL B 27 25.20 1.19 18.83
N ALA B 28 24.27 1.26 17.85
CA ALA B 28 24.68 1.34 16.41
C ALA B 28 24.14 2.69 15.94
N VAL B 29 24.96 3.39 15.11
CA VAL B 29 24.46 4.56 14.43
C VAL B 29 24.57 4.19 12.98
N ILE B 30 23.45 4.37 12.26
CA ILE B 30 23.46 4.20 10.81
C ILE B 30 23.52 5.59 10.19
N TYR B 31 24.57 5.89 9.40
CA TYR B 31 24.84 7.23 8.89
C TYR B 31 25.14 7.05 7.44
N GLN B 32 24.49 7.86 6.61
CA GLN B 32 24.46 7.63 5.17
C GLN B 32 24.37 6.14 4.86
N GLY B 33 23.46 5.46 5.52
CA GLY B 33 23.24 4.03 5.28
C GLY B 33 24.16 2.95 5.85
N LYS B 34 25.34 3.36 6.39
CA LYS B 34 26.43 2.47 6.88
C LYS B 34 26.33 2.46 8.47
N PRO B 35 26.64 1.32 9.11
CA PRO B 35 26.61 1.12 10.57
C PRO B 35 27.93 1.40 11.24
N TYR B 36 27.84 2.05 12.39
CA TYR B 36 29.00 2.31 13.27
C TYR B 36 28.62 1.82 14.67
N TYR B 37 29.53 1.11 15.36
CA TYR B 37 29.13 0.40 16.57
C TYR B 37 29.92 0.90 17.72
N PHE B 38 29.30 0.91 18.89
CA PHE B 38 29.92 1.45 20.10
C PHE B 38 29.53 0.51 21.20
N THR B 39 30.45 0.18 22.12
CA THR B 39 30.10 -0.77 23.22
C THR B 39 30.73 -0.26 24.50
N TRP B 40 30.07 -0.57 25.58
CA TRP B 40 30.48 -0.18 26.95
C TRP B 40 30.15 -1.28 27.87
N GLY B 41 31.05 -1.54 28.84
CA GLY B 41 30.59 -2.32 30.01
C GLY B 41 30.43 -3.81 29.77
N TYR B 42 29.58 -4.39 30.60
CA TYR B 42 29.47 -5.81 30.77
C TYR B 42 28.09 -6.39 30.39
N ALA B 43 28.17 -7.46 29.60
CA ALA B 43 27.01 -8.37 29.39
C ALA B 43 26.65 -9.19 30.64
N ASP B 44 27.67 -9.55 31.45
CA ASP B 44 27.48 -10.44 32.65
C ASP B 44 28.54 -9.86 33.61
N ILE B 45 28.04 -9.18 34.62
CA ILE B 45 28.89 -8.44 35.61
C ILE B 45 29.81 -9.39 36.44
N ALA B 46 29.23 -10.46 36.98
CA ALA B 46 29.99 -11.56 37.67
C ALA B 46 31.11 -12.21 36.83
N LYS B 47 30.84 -12.64 35.59
CA LYS B 47 31.87 -13.15 34.68
C LYS B 47 32.80 -12.08 34.10
N LYS B 48 32.48 -10.82 34.36
CA LYS B 48 33.10 -9.72 33.66
C LYS B 48 33.22 -9.98 32.16
N GLN B 49 32.11 -10.42 31.54
CA GLN B 49 32.05 -10.67 30.12
C GLN B 49 31.71 -9.33 29.43
N PRO B 50 32.59 -8.83 28.55
CA PRO B 50 32.29 -7.49 27.98
C PRO B 50 31.06 -7.54 27.02
N VAL B 51 30.33 -6.45 26.90
CA VAL B 51 29.40 -6.32 25.73
C VAL B 51 30.24 -6.32 24.45
N THR B 52 29.86 -7.14 23.48
CA THR B 52 30.49 -7.11 22.20
C THR B 52 29.42 -6.95 21.11
N GLN B 53 29.91 -6.92 19.86
CA GLN B 53 29.01 -6.96 18.70
C GLN B 53 28.09 -8.19 18.59
N GLN B 54 28.46 -9.24 19.29
CA GLN B 54 27.75 -10.55 19.32
C GLN B 54 26.85 -10.70 20.52
N THR B 55 26.78 -9.68 21.36
CA THR B 55 25.99 -9.88 22.60
C THR B 55 24.48 -9.78 22.31
N LEU B 56 23.69 -10.77 22.80
CA LEU B 56 22.23 -10.69 22.51
C LEU B 56 21.63 -9.98 23.69
N PHE B 57 20.74 -9.03 23.40
CA PHE B 57 19.97 -8.26 24.40
C PHE B 57 18.48 -8.55 24.21
N GLU B 58 17.66 -8.51 25.26
CA GLU B 58 16.19 -8.63 25.16
C GLU B 58 15.70 -7.33 24.59
N LEU B 59 14.97 -7.40 23.46
CA LEU B 59 14.44 -6.20 22.85
C LEU B 59 13.16 -5.75 23.47
N GLY B 60 12.51 -6.65 24.25
CA GLY B 60 11.23 -6.25 24.85
C GLY B 60 10.24 -5.82 23.75
N SER B 61 9.48 -4.75 24.00
CA SER B 61 8.44 -4.27 22.98
C SER B 61 8.94 -3.84 21.61
N VAL B 62 10.28 -3.69 21.42
CA VAL B 62 10.87 -3.48 20.10
C VAL B 62 10.49 -4.67 19.19
N SER B 63 10.22 -5.80 19.83
CA SER B 63 9.77 -7.03 19.08
C SER B 63 8.55 -6.76 18.27
N LYS B 64 7.63 -5.87 18.76
CA LYS B 64 6.41 -5.55 18.01
C LYS B 64 6.71 -5.04 16.58
N THR B 65 7.91 -4.52 16.34
CA THR B 65 8.25 -4.06 14.97
C THR B 65 8.46 -5.30 14.09
N PHE B 66 9.03 -6.36 14.63
CA PHE B 66 9.12 -7.64 13.84
C PHE B 66 7.71 -8.20 13.63
N THR B 67 6.87 -8.17 14.65
CA THR B 67 5.53 -8.70 14.49
C THR B 67 4.78 -7.90 13.42
N GLY B 68 4.89 -6.57 13.46
CA GLY B 68 4.22 -5.70 12.46
C GLY B 68 4.67 -6.01 11.04
N VAL B 69 5.96 -6.19 10.88
CA VAL B 69 6.52 -6.50 9.54
C VAL B 69 6.18 -7.93 9.07
N LEU B 70 6.15 -8.87 9.98
CA LEU B 70 5.70 -10.26 9.62
C LEU B 70 4.23 -10.25 9.18
N GLY B 71 3.39 -9.43 9.89
CA GLY B 71 1.99 -9.27 9.44
C GLY B 71 1.92 -8.58 8.09
N GLY B 72 2.74 -7.55 7.88
CA GLY B 72 2.84 -6.79 6.64
C GLY B 72 3.16 -7.82 5.48
N ASP B 73 4.09 -8.72 5.76
CA ASP B 73 4.51 -9.71 4.73
C ASP B 73 3.36 -10.67 4.41
N ALA B 74 2.58 -11.09 5.42
CA ALA B 74 1.45 -12.04 5.23
C ALA B 74 0.37 -11.30 4.42
N ILE B 75 0.20 -9.98 4.66
CA ILE B 75 -0.78 -9.23 3.84
C ILE B 75 -0.28 -9.24 2.38
N ALA B 76 0.99 -9.01 2.18
CA ALA B 76 1.58 -8.92 0.78
C ALA B 76 1.51 -10.26 0.10
N ARG B 77 1.56 -11.32 0.88
CA ARG B 77 1.47 -12.68 0.31
C ARG B 77 0.01 -13.03 -0.02
N GLY B 78 -0.94 -12.11 0.21
CA GLY B 78 -2.40 -12.37 0.19
C GLY B 78 -2.97 -13.43 1.12
N GLU B 79 -2.32 -13.79 2.25
CA GLU B 79 -2.76 -14.72 3.26
C GLU B 79 -3.78 -14.15 4.24
N ILE B 80 -3.58 -12.88 4.53
CA ILE B 80 -4.50 -12.11 5.40
C ILE B 80 -4.80 -10.71 4.85
N LYS B 81 -5.88 -10.11 5.34
CA LYS B 81 -6.22 -8.72 5.08
C LYS B 81 -6.49 -8.01 6.38
N LEU B 82 -6.04 -6.77 6.52
CA LEU B 82 -6.29 -6.09 7.82
C LEU B 82 -7.75 -5.76 7.97
N SER B 83 -8.57 -5.78 6.86
CA SER B 83 -10.01 -5.58 6.99
C SER B 83 -10.76 -6.79 7.45
N ASP B 84 -10.09 -7.92 7.57
CA ASP B 84 -10.77 -9.16 7.96
C ASP B 84 -11.14 -9.18 9.43
N PRO B 85 -12.34 -9.69 9.72
CA PRO B 85 -12.67 -10.00 11.13
C PRO B 85 -11.71 -10.93 11.80
N THR B 86 -11.45 -10.63 13.09
CA THR B 86 -10.59 -11.47 13.88
C THR B 86 -11.13 -12.93 13.82
N THR B 87 -12.44 -13.08 13.90
N THR B 87 -12.46 -13.04 13.81
CA THR B 87 -13.01 -14.44 13.94
CA THR B 87 -13.19 -14.31 13.82
C THR B 87 -12.74 -15.23 12.65
C THR B 87 -12.98 -15.17 12.56
N LYS B 88 -12.46 -14.57 11.51
CA LYS B 88 -12.08 -15.36 10.28
C LYS B 88 -10.91 -16.30 10.61
N TYR B 89 -9.97 -15.83 11.45
CA TYR B 89 -8.76 -16.59 11.69
C TYR B 89 -8.80 -17.29 13.04
N TRP B 90 -9.81 -17.00 13.83
CA TRP B 90 -10.04 -17.68 15.10
C TRP B 90 -11.48 -18.03 15.24
N PRO B 91 -11.92 -19.09 14.57
CA PRO B 91 -13.36 -19.27 14.41
C PRO B 91 -14.03 -19.60 15.75
N GLU B 92 -13.28 -20.16 16.68
CA GLU B 92 -13.69 -20.39 18.08
C GLU B 92 -13.98 -19.11 18.91
N LEU B 93 -13.55 -17.95 18.43
CA LEU B 93 -13.80 -16.69 19.15
C LEU B 93 -15.17 -16.13 18.70
N THR B 94 -16.24 -16.70 19.32
CA THR B 94 -17.56 -16.44 18.85
C THR B 94 -18.34 -15.42 19.70
N ALA B 95 -17.79 -14.95 20.85
CA ALA B 95 -18.62 -14.03 21.63
C ALA B 95 -18.95 -12.69 20.91
N LYS B 96 -20.15 -12.11 21.18
CA LYS B 96 -20.69 -11.04 20.40
C LYS B 96 -19.85 -9.76 20.37
N GLN B 97 -19.04 -9.53 21.39
CA GLN B 97 -18.23 -8.28 21.47
C GLN B 97 -17.18 -8.25 20.37
N TRP B 98 -16.91 -9.38 19.74
CA TRP B 98 -15.88 -9.44 18.75
C TRP B 98 -16.37 -9.06 17.39
N ASN B 99 -17.67 -8.92 17.26
CA ASN B 99 -18.24 -8.47 15.98
C ASN B 99 -17.71 -7.12 15.65
N GLY B 100 -17.11 -6.99 14.49
CA GLY B 100 -16.60 -5.68 14.15
C GLY B 100 -15.15 -5.43 14.55
N ILE B 101 -14.53 -6.34 15.31
CA ILE B 101 -13.09 -6.10 15.63
C ILE B 101 -12.25 -6.82 14.54
N THR B 102 -11.48 -6.04 13.80
CA THR B 102 -10.68 -6.60 12.67
C THR B 102 -9.24 -6.74 13.02
N LEU B 103 -8.49 -7.41 12.15
CA LEU B 103 -7.06 -7.49 12.33
C LEU B 103 -6.39 -6.14 12.44
N LEU B 104 -6.84 -5.09 11.66
CA LEU B 104 -6.31 -3.77 11.81
C LEU B 104 -6.44 -3.32 13.31
N HIS B 105 -7.60 -3.55 13.89
CA HIS B 105 -7.80 -3.00 15.32
C HIS B 105 -6.83 -3.75 16.19
N LEU B 106 -6.67 -5.09 16.02
CA LEU B 106 -5.65 -5.74 16.90
C LEU B 106 -4.21 -5.24 16.71
N ALA B 107 -3.81 -5.03 15.46
CA ALA B 107 -2.45 -4.67 15.15
C ALA B 107 -2.13 -3.25 15.69
N THR B 108 -3.13 -2.38 15.85
CA THR B 108 -2.90 -0.95 16.11
C THR B 108 -3.49 -0.49 17.47
N TYR B 109 -3.88 -1.52 18.26
CA TYR B 109 -4.31 -1.30 19.70
C TYR B 109 -5.61 -0.54 19.72
N THR B 110 -6.44 -0.70 18.69
CA THR B 110 -7.70 0.05 18.59
C THR B 110 -8.97 -0.80 18.70
N ALA B 111 -8.88 -1.99 19.25
CA ALA B 111 -10.03 -2.89 19.39
C ALA B 111 -11.06 -2.43 20.40
N GLY B 112 -10.66 -1.51 21.26
CA GLY B 112 -11.57 -0.94 22.30
C GLY B 112 -11.13 -1.31 23.69
N GLY B 113 -9.83 -1.21 23.94
CA GLY B 113 -9.35 -1.46 25.30
C GLY B 113 -8.98 -2.87 25.68
N LEU B 114 -8.44 -3.64 24.76
CA LEU B 114 -7.78 -4.88 25.19
C LEU B 114 -6.61 -4.50 26.12
N PRO B 115 -6.32 -5.32 27.16
CA PRO B 115 -5.47 -4.86 28.29
C PRO B 115 -4.03 -4.85 27.97
N LEU B 116 -3.33 -3.96 28.67
CA LEU B 116 -1.90 -3.87 28.50
C LEU B 116 -1.17 -5.24 28.53
N GLN B 117 -1.45 -6.05 29.54
CA GLN B 117 -0.80 -7.34 29.59
C GLN B 117 -1.85 -8.43 29.49
N VAL B 118 -1.42 -9.58 28.93
CA VAL B 118 -2.23 -10.83 29.02
C VAL B 118 -2.02 -11.25 30.51
N PRO B 119 -3.07 -11.56 31.27
CA PRO B 119 -2.83 -11.88 32.71
C PRO B 119 -1.81 -13.04 32.90
N ASP B 120 -0.98 -12.95 33.92
CA ASP B 120 0.01 -13.96 34.17
C ASP B 120 -0.62 -15.35 34.34
N GLU B 121 -1.85 -15.36 34.83
CA GLU B 121 -2.49 -16.65 35.03
C GLU B 121 -2.86 -17.39 33.79
N VAL B 122 -2.83 -16.71 32.63
CA VAL B 122 -3.20 -17.37 31.36
C VAL B 122 -1.96 -18.14 30.89
N LYS B 123 -2.09 -19.45 30.78
CA LYS B 123 -0.98 -20.31 30.50
C LYS B 123 -1.23 -21.16 29.25
N SER B 124 -2.37 -21.81 29.18
CA SER B 124 -2.70 -22.66 28.03
C SER B 124 -3.47 -22.00 26.90
N SER B 125 -3.57 -22.67 25.74
CA SER B 125 -4.41 -22.16 24.64
C SER B 125 -5.88 -22.00 25.07
N SER B 126 -6.31 -22.95 25.87
CA SER B 126 -7.61 -22.91 26.47
C SER B 126 -7.86 -21.68 27.40
N ASP B 127 -6.87 -21.38 28.23
CA ASP B 127 -6.93 -20.17 29.11
C ASP B 127 -7.04 -18.91 28.21
N LEU B 128 -6.32 -18.94 27.09
CA LEU B 128 -6.22 -17.77 26.27
C LEU B 128 -7.58 -17.52 25.55
N LEU B 129 -8.22 -18.58 25.05
CA LEU B 129 -9.53 -18.44 24.42
C LEU B 129 -10.46 -17.91 25.48
N ARG B 130 -10.42 -18.47 26.69
CA ARG B 130 -11.41 -18.00 27.70
C ARG B 130 -11.21 -16.49 28.03
N PHE B 131 -9.97 -16.06 28.14
CA PHE B 131 -9.62 -14.66 28.45
C PHE B 131 -10.19 -13.73 27.33
N TYR B 132 -9.96 -14.06 26.07
CA TYR B 132 -10.52 -13.21 24.98
C TYR B 132 -12.08 -13.31 24.89
N GLN B 133 -12.64 -14.52 25.14
CA GLN B 133 -14.11 -14.68 25.05
C GLN B 133 -14.78 -13.89 26.17
N ASN B 134 -14.07 -13.72 27.28
CA ASN B 134 -14.61 -13.03 28.48
C ASN B 134 -14.29 -11.56 28.52
N TRP B 135 -13.36 -11.09 27.69
CA TRP B 135 -13.04 -9.68 27.68
C TRP B 135 -14.19 -8.81 27.27
N GLN B 136 -14.41 -7.71 28.00
CA GLN B 136 -15.45 -6.77 27.69
C GLN B 136 -14.81 -5.42 27.30
N PRO B 137 -15.18 -4.88 26.16
CA PRO B 137 -14.44 -3.68 25.72
C PRO B 137 -14.86 -2.44 26.51
N ALA B 138 -13.94 -1.50 26.60
CA ALA B 138 -14.19 -0.19 27.33
C ALA B 138 -14.78 0.80 26.30
N TRP B 139 -14.54 0.60 24.96
CA TRP B 139 -14.99 1.54 23.97
C TRP B 139 -15.30 0.70 22.69
N ALA B 140 -16.01 1.31 21.75
CA ALA B 140 -16.27 0.64 20.44
C ALA B 140 -14.95 0.49 19.66
N PRO B 141 -14.98 -0.40 18.68
CA PRO B 141 -13.73 -0.57 17.90
C PRO B 141 -13.39 0.72 17.11
N GLY B 142 -12.10 1.01 16.93
CA GLY B 142 -11.62 2.09 16.06
C GLY B 142 -11.90 3.47 16.59
N THR B 143 -12.03 3.56 17.92
CA THR B 143 -12.24 4.89 18.55
C THR B 143 -11.11 5.34 19.47
N GLN B 144 -10.42 4.41 20.12
CA GLN B 144 -9.42 4.77 21.16
C GLN B 144 -8.19 3.90 20.96
N ARG B 145 -7.01 4.47 21.06
CA ARG B 145 -5.75 3.63 21.01
C ARG B 145 -5.37 3.40 22.47
N LEU B 146 -5.19 2.14 22.85
CA LEU B 146 -4.63 1.77 24.18
C LEU B 146 -3.59 0.75 23.99
N TYR B 147 -2.33 1.23 24.13
CA TYR B 147 -1.19 0.31 23.95
C TYR B 147 -1.36 -0.98 24.69
N ALA B 148 -1.15 -2.11 24.00
CA ALA B 148 -1.53 -3.38 24.61
C ALA B 148 -0.79 -4.57 24.01
N ASN B 149 -0.09 -5.30 24.87
CA ASN B 149 0.55 -6.55 24.42
C ASN B 149 -0.51 -7.53 23.98
N SER B 150 -1.67 -7.56 24.64
CA SER B 150 -2.73 -8.56 24.32
C SER B 150 -3.43 -8.25 22.92
N SER B 151 -3.22 -7.05 22.39
CA SER B 151 -3.77 -6.64 21.09
C SER B 151 -2.85 -7.07 19.97
N ILE B 152 -1.63 -6.55 19.98
CA ILE B 152 -0.74 -6.88 18.85
C ILE B 152 -0.25 -8.31 19.00
N GLY B 153 -0.15 -8.81 20.25
CA GLY B 153 0.15 -10.23 20.48
C GLY B 153 -0.81 -11.15 19.77
N LEU B 154 -2.11 -10.84 19.81
CA LEU B 154 -3.10 -11.69 19.13
C LEU B 154 -3.02 -11.48 17.66
N PHE B 155 -2.75 -10.25 17.23
CA PHE B 155 -2.57 -10.05 15.78
C PHE B 155 -1.49 -10.97 15.25
N GLY B 156 -0.34 -10.96 15.92
CA GLY B 156 0.78 -11.79 15.37
C GLY B 156 0.43 -13.28 15.30
N ALA B 157 -0.24 -13.76 16.33
CA ALA B 157 -0.68 -15.20 16.39
C ALA B 157 -1.66 -15.56 15.29
N LEU B 158 -2.55 -14.65 15.01
CA LEU B 158 -3.51 -14.91 13.92
C LEU B 158 -2.96 -14.67 12.54
N ALA B 159 -2.01 -13.75 12.38
CA ALA B 159 -1.50 -13.37 11.10
C ALA B 159 -0.87 -14.62 10.40
N VAL B 160 -0.30 -15.49 11.21
CA VAL B 160 0.49 -16.64 10.70
C VAL B 160 -0.42 -17.83 10.51
N LYS B 161 -1.69 -17.73 10.91
CA LYS B 161 -2.56 -18.93 10.81
C LYS B 161 -2.72 -19.49 9.35
N PRO B 162 -2.94 -18.62 8.36
CA PRO B 162 -3.09 -19.11 6.94
C PRO B 162 -1.87 -19.91 6.43
N SER B 163 -0.67 -19.46 6.82
CA SER B 163 0.60 -20.10 6.42
C SER B 163 0.74 -21.50 7.00
N GLY B 164 -0.01 -21.81 8.03
CA GLY B 164 0.19 -23.01 8.88
C GLY B 164 1.50 -23.15 9.65
N LEU B 165 2.43 -22.17 9.53
CA LEU B 165 3.69 -22.17 10.29
C LEU B 165 3.47 -21.64 11.70
N SER B 166 4.30 -22.09 12.66
CA SER B 166 4.24 -21.52 14.04
C SER B 166 4.68 -20.08 13.90
N PHE B 167 4.35 -19.23 14.89
CA PHE B 167 4.83 -17.86 14.80
C PHE B 167 6.39 -17.79 14.69
N GLU B 168 7.10 -18.63 15.46
CA GLU B 168 8.56 -18.64 15.43
C GLU B 168 9.11 -19.04 14.04
N GLN B 169 8.53 -20.10 13.46
CA GLN B 169 9.02 -20.55 12.19
C GLN B 169 8.74 -19.54 11.08
N ALA B 170 7.55 -18.89 11.11
CA ALA B 170 7.26 -17.85 10.12
C ALA B 170 8.21 -16.70 10.30
N MET B 171 8.45 -16.28 11.58
CA MET B 171 9.36 -15.13 11.83
C MET B 171 10.80 -15.46 11.33
N GLN B 172 11.25 -16.70 11.59
CA GLN B 172 12.63 -17.07 11.17
C GLN B 172 12.75 -17.12 9.66
N THR B 173 11.83 -17.81 9.01
CA THR B 173 12.04 -18.07 7.59
C THR B 173 11.62 -16.84 6.71
N ARG B 174 10.66 -15.99 7.19
CA ARG B 174 10.14 -14.93 6.40
C ARG B 174 10.79 -13.56 6.67
N VAL B 175 11.39 -13.40 7.83
CA VAL B 175 11.92 -12.13 8.23
C VAL B 175 13.39 -12.22 8.63
N PHE B 176 13.69 -13.02 9.64
CA PHE B 176 15.07 -13.03 10.09
C PHE B 176 16.05 -13.55 9.00
N GLN B 177 15.70 -14.66 8.33
CA GLN B 177 16.63 -15.18 7.37
C GLN B 177 16.84 -14.36 6.12
N PRO B 178 15.77 -13.89 5.47
CA PRO B 178 15.99 -13.08 4.32
C PRO B 178 16.87 -11.82 4.60
N LEU B 179 16.83 -11.29 5.82
CA LEU B 179 17.60 -10.12 6.20
C LEU B 179 18.92 -10.47 6.83
N LYS B 180 19.21 -11.81 6.88
CA LYS B 180 20.49 -12.29 7.42
C LYS B 180 20.68 -11.84 8.85
N LEU B 181 19.60 -11.93 9.61
CA LEU B 181 19.69 -11.61 11.04
C LEU B 181 20.07 -12.93 11.74
N ASN B 182 21.39 -13.24 11.71
CA ASN B 182 21.85 -14.59 12.03
C ASN B 182 22.09 -14.81 13.50
N HIS B 183 21.88 -13.76 14.31
CA HIS B 183 22.02 -13.88 15.76
C HIS B 183 20.80 -13.25 16.46
N THR B 184 19.61 -13.50 15.86
CA THR B 184 18.35 -12.95 16.39
C THR B 184 17.43 -14.14 16.57
N TRP B 185 16.89 -14.23 17.77
CA TRP B 185 16.04 -15.35 18.23
C TRP B 185 14.85 -14.99 19.06
N ILE B 186 13.77 -15.76 18.85
CA ILE B 186 12.68 -15.76 19.83
C ILE B 186 13.05 -16.66 21.06
N ASN B 187 13.64 -17.84 20.82
CA ASN B 187 14.17 -18.77 21.82
C ASN B 187 15.67 -18.93 21.55
N VAL B 188 16.45 -18.41 22.48
CA VAL B 188 17.92 -18.45 22.36
C VAL B 188 18.39 -19.90 22.46
N PRO B 189 19.08 -20.43 21.41
CA PRO B 189 19.46 -21.86 21.43
C PRO B 189 20.71 -21.99 22.32
N PRO B 190 21.02 -23.23 22.71
CA PRO B 190 22.22 -23.41 23.60
C PRO B 190 23.54 -22.78 23.10
N ALA B 191 23.81 -22.83 21.81
CA ALA B 191 25.03 -22.22 21.29
C ALA B 191 25.15 -20.73 21.53
N GLU B 192 24.02 -20.03 21.66
CA GLU B 192 24.08 -18.60 21.83
C GLU B 192 24.06 -18.20 23.31
N GLU B 193 23.82 -19.15 24.22
CA GLU B 193 23.68 -18.78 25.64
C GLU B 193 24.88 -17.98 26.17
N LYS B 194 26.09 -18.38 25.78
CA LYS B 194 27.33 -17.70 26.23
C LYS B 194 27.42 -16.22 25.77
N ASN B 195 26.65 -15.86 24.73
CA ASN B 195 26.52 -14.52 24.23
C ASN B 195 25.27 -13.80 24.72
N TYR B 196 24.42 -14.47 25.48
CA TYR B 196 23.16 -13.86 25.90
C TYR B 196 23.36 -13.01 27.15
N ALA B 197 23.26 -11.70 27.02
CA ALA B 197 23.54 -10.81 28.16
C ALA B 197 22.60 -11.19 29.29
N TRP B 198 23.03 -10.96 30.53
CA TRP B 198 22.04 -10.89 31.60
C TRP B 198 21.47 -9.51 31.74
N GLY B 199 20.18 -9.43 32.10
CA GLY B 199 19.52 -8.19 32.43
C GLY B 199 19.76 -7.92 33.92
N TYR B 200 19.69 -6.65 34.33
CA TYR B 200 19.89 -6.33 35.78
C TYR B 200 18.72 -5.53 36.29
N ARG B 201 18.07 -6.08 37.33
CA ARG B 201 16.92 -5.41 37.96
C ARG B 201 17.15 -5.42 39.48
N GLU B 202 17.11 -4.26 40.12
CA GLU B 202 17.41 -4.12 41.57
C GLU B 202 18.71 -4.90 41.84
N GLY B 203 19.71 -4.71 40.98
CA GLY B 203 21.00 -5.38 41.06
C GLY B 203 21.03 -6.91 40.82
N LYS B 204 19.89 -7.58 40.65
CA LYS B 204 19.80 -9.05 40.38
C LYS B 204 19.85 -9.39 38.87
N ALA B 205 20.58 -10.45 38.51
CA ALA B 205 20.68 -10.87 37.10
C ALA B 205 19.37 -11.58 36.70
N VAL B 206 18.70 -11.17 35.60
CA VAL B 206 17.35 -11.70 35.26
C VAL B 206 17.27 -11.86 33.72
N HIS B 207 16.43 -12.78 33.29
CA HIS B 207 16.01 -12.89 31.91
C HIS B 207 14.51 -12.87 31.89
N VAL B 208 13.88 -12.51 30.76
CA VAL B 208 12.43 -12.44 30.73
C VAL B 208 11.79 -13.82 31.01
N SER B 209 10.67 -13.84 31.72
CA SER B 209 9.87 -15.08 31.99
C SER B 209 8.94 -15.39 30.81
N PRO B 210 8.71 -16.67 30.52
CA PRO B 210 7.66 -17.12 29.59
C PRO B 210 6.30 -16.51 29.94
N GLY B 211 5.51 -16.21 28.89
CA GLY B 211 4.27 -15.54 29.11
C GLY B 211 3.45 -15.85 27.85
N ALA B 212 2.13 -15.77 27.97
CA ALA B 212 1.25 -16.03 26.82
C ALA B 212 1.52 -14.89 25.78
N LEU B 213 1.64 -15.28 24.52
CA LEU B 213 1.88 -14.35 23.41
C LEU B 213 3.13 -13.55 23.66
N ASP B 214 4.08 -14.13 24.39
CA ASP B 214 5.33 -13.42 24.57
C ASP B 214 6.15 -13.21 23.30
N ALA B 215 6.27 -14.24 22.47
CA ALA B 215 7.04 -14.13 21.22
C ALA B 215 6.50 -12.96 20.40
N GLU B 216 5.16 -12.88 20.28
CA GLU B 216 4.57 -11.89 19.42
C GLU B 216 4.59 -10.46 19.98
N ALA B 217 4.64 -10.29 21.31
CA ALA B 217 4.62 -8.95 21.86
C ALA B 217 5.93 -8.39 22.37
N TYR B 218 6.81 -9.24 22.86
CA TYR B 218 7.99 -8.76 23.58
C TYR B 218 9.15 -9.76 23.67
N GLY B 219 9.12 -10.75 22.80
CA GLY B 219 10.08 -11.88 23.00
C GLY B 219 11.31 -12.05 22.14
N VAL B 220 11.67 -11.05 21.34
CA VAL B 220 12.81 -11.21 20.47
C VAL B 220 14.09 -10.78 21.25
N LYS B 221 15.15 -11.54 21.03
CA LYS B 221 16.55 -11.17 21.53
C LYS B 221 17.45 -10.98 20.31
N SER B 222 18.31 -9.94 20.35
CA SER B 222 19.10 -9.71 19.14
C SER B 222 20.40 -9.02 19.54
N THR B 223 21.32 -8.97 18.56
CA THR B 223 22.61 -8.27 18.78
C THR B 223 22.56 -6.85 18.16
N ILE B 224 23.58 -6.01 18.46
CA ILE B 224 23.61 -4.72 17.92
C ILE B 224 23.84 -4.73 16.38
N GLU B 225 24.61 -5.72 15.91
CA GLU B 225 24.84 -5.88 14.49
C GLU B 225 23.52 -6.21 13.76
N ASP B 226 22.79 -7.17 14.26
CA ASP B 226 21.54 -7.57 13.56
C ASP B 226 20.53 -6.42 13.70
N MET B 227 20.51 -5.74 14.84
CA MET B 227 19.56 -4.61 14.91
C MET B 227 19.96 -3.48 13.98
N ALA B 228 21.28 -3.28 13.78
CA ALA B 228 21.72 -2.30 12.75
C ALA B 228 21.14 -2.69 11.39
N ARG B 229 21.21 -3.97 11.06
N ARG B 229 21.20 -3.97 11.04
CA ARG B 229 20.70 -4.46 9.79
CA ARG B 229 20.67 -4.52 9.75
C ARG B 229 19.18 -4.27 9.70
C ARG B 229 19.14 -4.35 9.68
N TRP B 230 18.50 -4.49 10.83
CA TRP B 230 17.04 -4.30 10.89
C TRP B 230 16.73 -2.85 10.61
N VAL B 231 17.47 -1.93 11.21
CA VAL B 231 17.24 -0.51 10.86
C VAL B 231 17.46 -0.22 9.38
N GLN B 232 18.57 -0.77 8.86
N GLN B 232 18.58 -0.70 8.82
CA GLN B 232 18.90 -0.52 7.43
CA GLN B 232 18.84 -0.39 7.40
C GLN B 232 17.74 -0.99 6.56
C GLN B 232 17.75 -1.01 6.49
N SER B 233 17.21 -2.17 6.89
CA SER B 233 16.15 -2.79 6.11
C SER B 233 14.89 -1.93 6.15
N ASN B 234 14.62 -1.39 7.34
CA ASN B 234 13.41 -0.52 7.46
C ASN B 234 13.61 0.91 6.91
N LEU B 235 14.86 1.36 6.83
CA LEU B 235 15.24 2.63 6.20
C LEU B 235 15.06 2.53 4.69
N LYS B 236 15.47 1.40 4.12
CA LYS B 236 15.53 1.31 2.67
C LYS B 236 14.94 0.01 2.19
N PRO B 237 13.63 -0.14 2.32
CA PRO B 237 13.07 -1.46 1.98
C PRO B 237 13.20 -1.86 0.49
N LEU B 238 13.46 -0.90 -0.42
CA LEU B 238 13.49 -1.30 -1.86
C LEU B 238 14.77 -2.06 -2.16
N ASP B 239 15.71 -1.97 -1.22
CA ASP B 239 16.89 -2.86 -1.30
C ASP B 239 16.66 -4.31 -0.97
N ILE B 240 15.52 -4.65 -0.36
CA ILE B 240 15.26 -6.03 -0.03
C ILE B 240 14.80 -6.87 -1.23
N ASN B 241 15.53 -7.97 -1.51
CA ASN B 241 15.22 -8.82 -2.70
C ASN B 241 13.86 -9.46 -2.66
N GLU B 242 13.44 -9.99 -1.50
CA GLU B 242 12.17 -10.70 -1.39
C GLU B 242 10.96 -9.76 -1.41
N LYS B 243 10.11 -9.91 -2.43
CA LYS B 243 9.08 -8.93 -2.83
C LYS B 243 8.10 -8.72 -1.67
N THR B 244 7.62 -9.82 -1.10
CA THR B 244 6.60 -9.67 -0.05
C THR B 244 7.18 -9.07 1.22
N LEU B 245 8.46 -9.29 1.50
CA LEU B 245 9.03 -8.68 2.71
C LEU B 245 9.26 -7.19 2.50
N GLN B 246 9.71 -6.81 1.31
CA GLN B 246 9.88 -5.43 0.95
C GLN B 246 8.48 -4.73 1.14
N GLN B 247 7.42 -5.37 0.64
N GLN B 247 7.44 -5.38 0.64
CA GLN B 247 6.06 -4.78 0.75
CA GLN B 247 6.11 -4.80 0.77
C GLN B 247 5.53 -4.77 2.22
C GLN B 247 5.73 -4.68 2.27
N GLY B 248 5.91 -5.77 3.00
CA GLY B 248 5.56 -5.86 4.45
C GLY B 248 6.20 -4.76 5.25
N ILE B 249 7.48 -4.47 5.00
CA ILE B 249 8.17 -3.36 5.72
C ILE B 249 7.46 -2.04 5.32
N GLN B 250 7.15 -1.83 4.02
CA GLN B 250 6.44 -0.61 3.63
C GLN B 250 5.12 -0.55 4.34
N LEU B 251 4.36 -1.63 4.43
CA LEU B 251 2.98 -1.58 5.02
C LEU B 251 3.07 -1.28 6.53
N ALA B 252 4.17 -1.73 7.17
CA ALA B 252 4.30 -1.51 8.64
C ALA B 252 4.59 0.00 8.99
N GLN B 253 5.02 0.79 7.99
CA GLN B 253 5.19 2.25 8.15
C GLN B 253 4.08 3.06 7.55
N SER B 254 3.02 2.39 7.05
CA SER B 254 1.83 3.18 6.61
C SER B 254 1.20 3.78 7.86
N ARG B 255 0.56 4.92 7.67
CA ARG B 255 -0.05 5.61 8.80
C ARG B 255 -1.54 5.24 8.82
N TYR B 256 -1.95 4.49 9.85
CA TYR B 256 -3.35 3.96 9.90
C TYR B 256 -4.25 4.85 10.74
N TRP B 257 -3.64 5.42 11.82
CA TRP B 257 -4.40 6.25 12.76
C TRP B 257 -3.54 7.38 13.17
N GLN B 258 -4.18 8.52 13.51
CA GLN B 258 -3.43 9.61 14.07
C GLN B 258 -3.96 9.94 15.50
N THR B 259 -3.03 10.06 16.45
CA THR B 259 -3.40 10.66 17.76
C THR B 259 -2.39 11.74 18.03
N GLY B 260 -2.87 12.98 18.19
CA GLY B 260 -1.89 14.05 18.40
C GLY B 260 -0.94 14.19 17.20
N ASP B 261 0.37 14.25 17.49
CA ASP B 261 1.32 14.38 16.43
C ASP B 261 1.91 13.01 16.06
N MET B 262 1.28 11.91 16.57
N MET B 262 1.36 11.90 16.56
CA MET B 262 1.72 10.46 16.43
CA MET B 262 1.89 10.60 16.15
C MET B 262 0.84 9.64 15.49
C MET B 262 0.89 9.87 15.28
N TYR B 263 1.49 8.93 14.56
CA TYR B 263 0.74 8.05 13.68
C TYR B 263 1.10 6.62 14.01
N GLN B 264 0.11 5.77 13.98
CA GLN B 264 0.33 4.38 14.35
C GLN B 264 0.49 3.50 13.09
N GLY B 265 1.64 2.84 13.03
CA GLY B 265 1.94 1.86 11.96
C GLY B 265 1.64 0.48 12.50
N LEU B 266 2.27 -0.53 11.89
CA LEU B 266 2.14 -1.92 12.40
C LEU B 266 3.44 -2.15 13.17
N GLY B 267 3.30 -2.06 14.50
CA GLY B 267 4.52 -2.15 15.36
C GLY B 267 5.23 -0.78 15.46
N TRP B 268 5.69 -0.27 14.34
CA TRP B 268 6.27 1.07 14.31
C TRP B 268 5.30 2.18 14.68
N GLU B 269 5.81 3.24 15.29
CA GLU B 269 5.10 4.52 15.47
C GLU B 269 5.89 5.61 14.72
N MET B 270 5.17 6.63 14.22
CA MET B 270 5.80 7.61 13.33
C MET B 270 5.30 9.00 13.64
N LEU B 271 6.17 9.98 13.38
CA LEU B 271 5.85 11.42 13.48
C LEU B 271 6.52 12.05 12.27
N ASP B 272 5.96 13.14 11.79
CA ASP B 272 6.69 13.88 10.76
C ASP B 272 8.01 14.41 11.24
N TRP B 273 8.97 14.43 10.34
CA TRP B 273 10.25 15.06 10.59
C TRP B 273 10.35 16.37 9.87
N PRO B 274 10.88 17.43 10.49
CA PRO B 274 11.44 17.50 11.84
C PRO B 274 10.38 17.36 12.90
N VAL B 275 10.74 16.76 14.02
CA VAL B 275 9.80 16.56 15.09
C VAL B 275 10.09 17.57 16.15
N ASN B 276 9.11 17.80 17.02
CA ASN B 276 9.36 18.49 18.26
C ASN B 276 9.97 17.54 19.30
N PRO B 277 11.24 17.73 19.70
CA PRO B 277 11.78 16.70 20.56
C PRO B 277 11.06 16.56 21.86
N ASP B 278 10.57 17.67 22.43
CA ASP B 278 9.79 17.47 23.66
C ASP B 278 8.59 16.55 23.49
N SER B 279 8.05 16.51 22.29
CA SER B 279 6.90 15.66 22.04
C SER B 279 7.17 14.13 22.10
N ILE B 280 8.25 13.68 21.44
CA ILE B 280 8.63 12.27 21.48
C ILE B 280 9.26 11.97 22.81
N ILE B 281 10.03 12.93 23.41
CA ILE B 281 10.55 12.67 24.72
C ILE B 281 9.51 12.53 25.78
N ASN B 282 8.64 13.54 25.92
CA ASN B 282 7.54 13.38 26.91
C ASN B 282 6.55 12.33 26.55
N GLY B 283 6.27 12.18 25.26
CA GLY B 283 5.31 11.17 24.83
C GLY B 283 5.74 9.77 25.13
N SER B 284 7.05 9.57 25.39
CA SER B 284 7.53 8.24 25.67
C SER B 284 7.38 7.75 27.11
N ASP B 285 7.10 8.71 28.00
CA ASP B 285 6.93 8.41 29.39
C ASP B 285 5.65 7.61 29.47
N ASN B 286 5.69 6.59 30.34
CA ASN B 286 4.53 5.67 30.39
C ASN B 286 3.23 6.30 30.82
N LYS B 287 3.25 7.44 31.52
CA LYS B 287 1.94 8.04 31.81
C LYS B 287 1.20 8.57 30.59
N ILE B 288 1.93 8.81 29.49
CA ILE B 288 1.32 9.18 28.20
C ILE B 288 1.26 7.94 27.27
N ALA B 289 2.42 7.24 27.18
CA ALA B 289 2.54 6.14 26.17
C ALA B 289 1.56 4.98 26.44
N LEU B 290 1.17 4.77 27.70
CA LEU B 290 0.20 3.74 28.04
C LEU B 290 -1.20 4.22 28.32
N ALA B 291 -1.45 5.51 28.16
CA ALA B 291 -2.82 6.05 28.33
C ALA B 291 -3.70 5.89 27.10
N ALA B 292 -4.99 5.66 27.30
CA ALA B 292 -5.89 5.76 26.17
C ALA B 292 -5.93 7.13 25.50
N ARG B 293 -5.96 7.17 24.15
CA ARG B 293 -6.03 8.43 23.42
C ARG B 293 -6.98 8.23 22.23
N PRO B 294 -7.79 9.21 21.87
CA PRO B 294 -8.73 9.10 20.73
C PRO B 294 -7.97 9.12 19.42
N VAL B 295 -8.40 8.27 18.50
CA VAL B 295 -7.70 8.18 17.21
C VAL B 295 -8.62 8.66 16.10
N LYS B 296 -8.01 9.25 15.07
CA LYS B 296 -8.72 9.59 13.83
C LYS B 296 -8.21 8.54 12.82
N ALA B 297 -9.13 7.88 12.18
CA ALA B 297 -8.79 6.96 11.08
C ALA B 297 -8.26 7.78 9.93
N ILE B 298 -7.26 7.19 9.28
CA ILE B 298 -6.63 7.78 8.14
C ILE B 298 -7.08 6.87 6.99
N THR B 299 -8.03 7.42 6.21
CA THR B 299 -8.89 6.62 5.32
C THR B 299 -8.70 7.09 3.87
N PRO B 300 -7.90 6.40 3.06
CA PRO B 300 -7.12 5.20 3.36
C PRO B 300 -5.78 5.57 4.02
N PRO B 301 -5.05 4.56 4.49
CA PRO B 301 -3.78 4.84 5.24
C PRO B 301 -2.77 5.52 4.36
N THR B 302 -2.03 6.49 4.85
CA THR B 302 -1.01 7.12 4.03
C THR B 302 0.15 6.18 3.91
N PRO B 303 0.63 5.95 2.67
CA PRO B 303 1.85 5.14 2.55
C PRO B 303 3.02 5.77 3.31
N ALA B 304 4.02 4.91 3.59
CA ALA B 304 5.17 5.32 4.38
C ALA B 304 5.76 6.67 3.91
N VAL B 305 5.87 7.57 4.85
CA VAL B 305 6.34 8.91 4.64
C VAL B 305 7.86 8.91 4.88
N ARG B 306 8.61 9.23 3.83
CA ARG B 306 10.05 9.32 4.00
C ARG B 306 10.51 10.25 5.09
N ALA B 307 9.95 11.45 5.15
CA ALA B 307 10.34 12.45 6.10
C ALA B 307 9.56 12.22 7.42
N SER B 308 10.01 11.13 8.05
CA SER B 308 9.42 10.70 9.34
C SER B 308 10.49 10.38 10.32
N TRP B 309 10.18 10.65 11.63
CA TRP B 309 10.86 9.98 12.73
C TRP B 309 10.06 8.70 12.98
N VAL B 310 10.67 7.54 12.75
CA VAL B 310 10.00 6.25 12.97
C VAL B 310 10.70 5.58 14.15
N HIS B 311 9.93 5.12 15.13
CA HIS B 311 10.63 4.65 16.33
C HIS B 311 9.82 3.62 17.13
N LYS B 312 10.49 3.02 18.10
CA LYS B 312 9.76 2.18 19.06
C LYS B 312 10.67 1.96 20.28
N THR B 313 10.05 2.11 21.44
CA THR B 313 10.70 1.74 22.72
C THR B 313 10.41 0.29 23.15
N GLY B 314 11.25 -0.27 24.04
CA GLY B 314 10.91 -1.64 24.54
C GLY B 314 11.65 -1.85 25.84
N ALA B 315 11.07 -2.63 26.73
CA ALA B 315 11.68 -2.92 28.00
C ALA B 315 11.35 -4.37 28.37
N THR B 316 12.21 -4.96 29.13
CA THR B 316 11.78 -6.16 29.90
C THR B 316 12.22 -5.91 31.34
N GLY B 317 12.00 -6.85 32.25
CA GLY B 317 12.51 -6.58 33.66
C GLY B 317 13.94 -6.08 33.71
N GLY B 318 14.82 -6.66 32.93
CA GLY B 318 16.23 -6.33 33.04
C GLY B 318 16.83 -5.54 31.89
N PHE B 319 15.99 -5.10 30.92
CA PHE B 319 16.63 -4.55 29.69
C PHE B 319 15.83 -3.34 29.21
N GLY B 320 16.50 -2.42 28.53
CA GLY B 320 15.79 -1.27 27.94
C GLY B 320 16.37 -1.05 26.57
N SER B 321 15.48 -0.89 25.60
N SER B 321 15.53 -1.01 25.54
CA SER B 321 15.91 -0.78 24.20
CA SER B 321 16.04 -0.86 24.16
C SER B 321 15.24 0.43 23.51
C SER B 321 15.27 0.29 23.49
N TYR B 322 15.82 0.89 22.41
CA TYR B 322 15.13 1.97 21.66
C TYR B 322 15.69 1.90 20.24
N VAL B 323 14.82 2.14 19.26
CA VAL B 323 15.32 2.18 17.86
C VAL B 323 14.61 3.40 17.25
N ALA B 324 15.30 4.25 16.49
CA ALA B 324 14.64 5.36 15.83
C ALA B 324 15.38 5.58 14.51
N PHE B 325 14.66 6.03 13.49
CA PHE B 325 15.35 6.28 12.20
C PHE B 325 14.54 7.26 11.38
N ILE B 326 15.21 7.89 10.42
CA ILE B 326 14.55 8.89 9.54
C ILE B 326 14.85 8.51 8.09
N PRO B 327 13.90 7.92 7.38
CA PRO B 327 14.21 7.35 6.03
C PRO B 327 14.82 8.41 5.08
N GLU B 328 14.24 9.60 5.07
CA GLU B 328 14.69 10.70 4.16
C GLU B 328 16.20 11.03 4.33
N LYS B 329 16.72 10.84 5.55
CA LYS B 329 18.11 11.20 5.92
C LYS B 329 19.08 10.00 5.90
N GLU B 330 18.55 8.80 5.69
CA GLU B 330 19.26 7.53 5.70
C GLU B 330 20.01 7.41 7.03
N LEU B 331 19.29 7.80 8.09
CA LEU B 331 19.93 7.93 9.40
C LEU B 331 19.13 7.13 10.45
N GLY B 332 19.84 6.44 11.34
CA GLY B 332 19.15 5.71 12.43
C GLY B 332 20.02 5.44 13.60
N ILE B 333 19.36 4.93 14.65
CA ILE B 333 20.08 4.60 15.84
C ILE B 333 19.41 3.44 16.56
N VAL B 334 20.23 2.55 17.10
CA VAL B 334 19.78 1.46 17.98
C VAL B 334 20.49 1.60 19.31
N MET B 335 19.75 1.53 20.40
CA MET B 335 20.39 1.59 21.73
C MET B 335 19.92 0.41 22.57
N LEU B 336 20.84 -0.49 22.93
CA LEU B 336 20.48 -1.74 23.70
C LEU B 336 21.25 -1.71 25.02
N ALA B 337 20.48 -1.73 26.08
CA ALA B 337 21.10 -1.85 27.45
C ALA B 337 20.54 -2.97 28.26
N ASN B 338 21.36 -3.51 29.16
CA ASN B 338 20.89 -4.53 30.08
C ASN B 338 20.50 -3.98 31.44
N LYS B 339 19.86 -2.81 31.40
CA LYS B 339 19.01 -2.28 32.45
C LYS B 339 17.79 -1.51 31.91
N ASN B 340 16.63 -1.71 32.52
CA ASN B 340 15.42 -0.97 32.18
C ASN B 340 15.31 0.48 32.73
N TYR B 341 15.84 1.43 32.01
CA TYR B 341 15.96 2.78 32.56
C TYR B 341 14.94 3.61 31.79
N PRO B 342 14.61 4.82 32.28
CA PRO B 342 13.36 5.51 31.76
C PRO B 342 13.38 5.81 30.27
N ASN B 343 12.20 5.65 29.63
CA ASN B 343 12.09 5.97 28.21
C ASN B 343 12.56 7.33 27.79
N PRO B 344 12.11 8.43 28.51
CA PRO B 344 12.51 9.77 28.09
C PRO B 344 14.03 9.93 27.99
N ALA B 345 14.81 9.23 28.81
CA ALA B 345 16.23 9.35 28.76
C ALA B 345 16.77 8.71 27.53
N ARG B 346 16.10 7.62 27.09
CA ARG B 346 16.52 6.99 25.76
C ARG B 346 16.25 7.89 24.59
N VAL B 347 15.03 8.43 24.52
CA VAL B 347 14.57 9.25 23.41
C VAL B 347 15.35 10.56 23.31
N ASP B 348 15.65 11.16 24.47
CA ASP B 348 16.43 12.36 24.50
C ASP B 348 17.82 12.14 23.98
N ALA B 349 18.49 11.06 24.37
CA ALA B 349 19.85 10.72 23.88
C ALA B 349 19.80 10.46 22.39
N ALA B 350 18.76 9.72 21.96
CA ALA B 350 18.76 9.35 20.55
C ALA B 350 18.47 10.59 19.75
N TRP B 351 17.62 11.45 20.24
CA TRP B 351 17.36 12.67 19.54
C TRP B 351 18.59 13.56 19.43
N GLN B 352 19.34 13.71 20.50
CA GLN B 352 20.55 14.55 20.46
C GLN B 352 21.53 14.05 19.37
N ILE B 353 21.65 12.70 19.28
CA ILE B 353 22.55 12.16 18.35
C ILE B 353 22.05 12.37 16.96
N LEU B 354 20.79 11.93 16.70
CA LEU B 354 20.36 12.02 15.28
C LEU B 354 20.28 13.50 14.78
N ASN B 355 19.81 14.40 15.65
CA ASN B 355 19.67 15.80 15.29
C ASN B 355 21.04 16.38 14.97
N ALA B 356 22.09 15.88 15.65
CA ALA B 356 23.46 16.42 15.37
C ALA B 356 23.98 16.00 14.00
N LEU B 357 23.53 14.83 13.53
CA LEU B 357 24.04 14.20 12.35
C LEU B 357 23.25 14.48 11.10
N GLN B 358 22.05 15.00 11.24
CA GLN B 358 21.29 15.18 9.95
C GLN B 358 21.75 16.40 9.16
CAB 2TV C . -23.22 2.99 -16.42
CAP 2TV C . -21.81 3.22 -16.97
OAD 2TV C . -20.82 2.72 -16.44
OAN 2TV C . -21.77 4.00 -18.05
CAI 2TV C . -21.06 3.32 -19.12
CAR 2TV C . -20.01 4.15 -19.45
CAJ 2TV C . -19.97 5.29 -18.64
SAO 2TV C . -19.48 6.72 -19.63
CAS 2TV C . -19.11 3.91 -20.53
CAQ 2TV C . -19.01 2.82 -21.39
OAF 2TV C . -19.87 2.62 -22.27
OAE 2TV C . -18.05 2.05 -21.28
NAL 2TV C . -18.15 4.75 -20.77
CAU 2TV C . -17.97 5.93 -19.99
CAV 2TV C . -16.95 6.80 -20.67
NAK 2TV C . -17.35 7.45 -21.86
CAH 2TV C . -16.56 8.46 -22.25
OAC 2TV C . -16.75 9.13 -23.26
CAT 2TV C . -15.75 5.92 -21.02
OAG 2TV C . -15.65 5.02 -21.80
P PO4 D . 8.88 7.01 -34.74
O1 PO4 D . 9.65 7.70 -35.82
O2 PO4 D . 7.54 7.65 -34.53
O3 PO4 D . 9.77 7.11 -33.51
O4 PO4 D . 8.71 5.56 -35.10
CAB 2TV E . 4.80 0.23 33.66
CAP 2TV E . 3.95 -0.88 33.01
OAD 2TV E . 3.03 -1.40 33.64
OAN 2TV E . 4.27 -1.25 31.72
CAI 2TV E . 5.55 -0.89 31.19
CAR 2TV E . 5.53 -1.31 29.86
CAJ 2TV E . 4.60 -2.28 29.61
SAO 2TV E . 4.00 -2.30 27.91
CAS 2TV E . 6.47 -0.85 28.95
CAQ 2TV E . 7.46 0.07 29.28
OAF 2TV E . 7.83 0.91 28.45
OAE 2TV E . 8.01 0.05 30.37
NAL 2TV E . 6.52 -1.29 27.70
CAU 2TV E . 5.55 -2.20 27.10
CAV 2TV E . 6.07 -3.63 26.90
NAK 2TV E . 6.55 -4.33 28.08
CAH 2TV E . 6.94 -5.60 27.93
OAC 2TV E . 7.37 -6.31 28.84
CAT 2TV E . 7.21 -3.53 25.92
OAG 2TV E . 8.28 -3.08 26.15
#